data_6DZY
#
_entry.id   6DZY
#
_cell.length_a   1
_cell.length_b   1
_cell.length_c   1
_cell.angle_alpha   90.00
_cell.angle_beta   90.00
_cell.angle_gamma   90.00
#
_symmetry.space_group_name_H-M   'P 1'
#
loop_
_entity.id
_entity.type
_entity.pdbx_description
1 polymer 'Sodium-dependent serotonin transporter'
2 polymer '15B8 antibody heavy chain'
3 polymer '15B8 antibody light chain'
4 polymer '8B6 antibody single chain'
5 branched 2-acetamido-2-deoxy-beta-D-glucopyranose-(1-4)-2-acetamido-2-deoxy-beta-D-glucopyranose
6 non-polymer (5beta)-12-methoxyibogamine
7 non-polymer DODECYL-BETA-D-MALTOSIDE
#
loop_
_entity_poly.entity_id
_entity_poly.type
_entity_poly.pdbx_seq_one_letter_code
_entity_poly.pdbx_strand_id
1 'polypeptide(L)'
;RETWGKKVDFLLSVIGYAVDLGNVWRFPYICYQNGGGAFLLPYTIMAIFGGIPLFYMELALGQYHRNGCISIWRKICPIF
KGIGYAICIIAFYIASYYNTIMAWALYYLISSFTDQLPWTSCKNSWNTGNCTNYFSEDNITWTLHSTSPAEEFYTRHVLQ
IHRSKGLQDLGGISWQLALCIMLIFTVIYFSIWKGVKTSGKVVWVTATFPYIALSVLLVRGATLPGAWRGVLFYLKPNWQ
KLLETGVWIDAAAQIFFSLGPGFGVLLAFASYNKFNNNCYQDALVTSVVNCMTSFVSGFVIFTVLGYMAEMRNEDVSEVA
KDAGPSLLFITYAEAIANMPASTFFAIIFFLMLITLGLDSSFAGLEGVITAVLDEFPHVWAKRRERFVLAVVITCFFGSL
VTLTFGGAYVVKLLEEYATGPAVLTVALIEAVAVSWFYGITQFCRDVKEMLGFSPGWFWRICWVAISPLFLLFIIASFLM
SPPQLRLFQYNYPYWSIILGYAIGTSSFICIPTYIAYRLIITPGTFKERIIKSITPE
;
A
2 'polypeptide(L)'
;QVQLQQSGPELVKLGASVRISCKASGYRFSYSWMNWVKQRPGKGLEWIGRIYPGDGDTKYSGKFKGKATLTADKSSSTVY
MQLSSLTSEDSAVYFCARSAYGSEGFAMDYWGQGTSVT
;
H
3 'polypeptide(L)'
;DIVLTQSPASLAVSLGQRATISCRASESVDNYGISFLNWFQQKPGQPPKLLIYAASNQGSGVPARFSGSGSGTYFSLNIH
PMEEDDTAVYFCQQTKGVSWTFGGGTKVEI
;
L
4 'polypeptide(L)'
;EVQLQQSGPELVKPGASVKISCKASGYTFTDYYMNWVKQSHGKSLEWIGNINPNNGGTSYNQKFKGKATLTVDKSSTTAY
MELRSLTSEDSAVYYCTRSPVRPYYFDYWGQGTTLTV(UNK)(UNK)(UNK)(UNK)(UNK)(UNK)(UNK)(UNK)
(UNK)(UNK)(UNK)(UNK)(UNK)(UNK)(UNK)(UNK)(UNK)DIVMTQSHKFMSTSVGDRVSITCKASQDVSTAVAW
YQQKPGQSPKLLIYSASYRYTGVPDRFTGSGSGTDFTFTISSVQAEDLAVYYCQQHYSIPRTFGGGTKLEI
;
V
#
# COMPACT_ATOMS: atom_id res chain seq x y z
N ARG A 1 -26.38 -29.96 -27.67
CA ARG A 1 -25.71 -28.88 -26.94
C ARG A 1 -26.41 -28.64 -25.61
N GLU A 2 -25.65 -28.70 -24.52
CA GLU A 2 -26.22 -28.50 -23.20
C GLU A 2 -26.71 -27.07 -23.04
N THR A 3 -27.83 -26.91 -22.33
CA THR A 3 -28.44 -25.61 -22.05
C THR A 3 -28.46 -25.37 -20.55
N TRP A 4 -28.68 -24.11 -20.19
CA TRP A 4 -28.67 -23.67 -18.80
C TRP A 4 -30.09 -23.54 -18.25
N GLY A 5 -30.19 -23.59 -16.94
CA GLY A 5 -31.50 -23.71 -16.33
C GLY A 5 -32.28 -22.48 -15.98
N LYS A 6 -32.37 -22.17 -14.71
CA LYS A 6 -33.15 -21.01 -14.33
C LYS A 6 -32.55 -19.72 -14.89
N LYS A 7 -33.42 -18.78 -15.25
CA LYS A 7 -32.95 -17.53 -15.81
C LYS A 7 -32.05 -16.77 -14.83
N VAL A 8 -32.43 -16.79 -13.56
CA VAL A 8 -31.69 -16.09 -12.55
C VAL A 8 -30.25 -16.53 -12.38
N ASP A 9 -29.97 -17.84 -12.53
CA ASP A 9 -28.62 -18.35 -12.35
C ASP A 9 -27.80 -17.61 -13.35
N PHE A 10 -28.33 -17.57 -14.55
CA PHE A 10 -27.64 -16.74 -15.51
C PHE A 10 -27.29 -15.37 -14.93
N LEU A 11 -28.30 -14.68 -14.38
CA LEU A 11 -28.09 -13.33 -13.87
C LEU A 11 -27.06 -13.31 -12.73
N LEU A 12 -27.01 -14.39 -11.94
CA LEU A 12 -25.98 -14.49 -10.91
C LEU A 12 -24.63 -14.82 -11.51
N SER A 13 -24.61 -15.60 -12.60
CA SER A 13 -23.35 -15.94 -13.25
C SER A 13 -22.70 -14.72 -13.87
N VAL A 14 -23.50 -13.85 -14.49
CA VAL A 14 -22.93 -12.70 -15.21
C VAL A 14 -22.51 -11.62 -14.22
N ILE A 15 -23.37 -11.32 -13.24
CA ILE A 15 -23.05 -10.26 -12.29
C ILE A 15 -21.86 -10.64 -11.42
N GLY A 16 -21.70 -11.94 -11.13
CA GLY A 16 -20.51 -12.38 -10.42
C GLY A 16 -19.25 -12.12 -11.20
N TYR A 17 -19.33 -12.22 -12.53
CA TYR A 17 -18.21 -11.83 -13.38
C TYR A 17 -18.16 -10.31 -13.54
N ALA A 18 -19.31 -9.65 -13.52
CA ALA A 18 -19.35 -8.21 -13.71
C ALA A 18 -18.65 -7.48 -12.56
N VAL A 19 -18.93 -7.89 -11.33
CA VAL A 19 -18.33 -7.31 -10.13
C VAL A 19 -17.19 -8.21 -9.68
N ASP A 20 -16.03 -7.62 -9.39
CA ASP A 20 -14.86 -8.37 -8.99
C ASP A 20 -14.05 -7.53 -8.00
N LEU A 21 -12.87 -8.03 -7.64
CA LEU A 21 -11.99 -7.29 -6.75
C LEU A 21 -11.40 -6.04 -7.40
N GLY A 22 -11.38 -5.99 -8.74
CA GLY A 22 -10.88 -4.80 -9.41
C GLY A 22 -11.72 -3.56 -9.11
N ASN A 23 -13.05 -3.74 -9.08
CA ASN A 23 -13.93 -2.62 -8.77
C ASN A 23 -13.69 -2.06 -7.37
N VAL A 24 -13.21 -2.88 -6.44
CA VAL A 24 -12.89 -2.37 -5.11
C VAL A 24 -11.61 -1.54 -5.15
N TRP A 25 -10.74 -1.79 -6.13
CA TRP A 25 -9.49 -1.02 -6.24
C TRP A 25 -9.70 0.29 -6.98
N ARG A 26 -9.85 0.18 -8.30
CA ARG A 26 -9.94 1.33 -9.20
C ARG A 26 -11.10 2.31 -9.07
N PHE A 27 -12.29 1.81 -8.85
CA PHE A 27 -13.45 2.70 -8.78
C PHE A 27 -13.31 3.67 -7.63
N PRO A 28 -13.11 3.25 -6.37
CA PRO A 28 -12.90 4.24 -5.31
C PRO A 28 -11.61 5.01 -5.44
N TYR A 29 -10.61 4.45 -6.13
CA TYR A 29 -9.32 5.11 -6.26
C TYR A 29 -9.33 6.23 -7.30
N ILE A 30 -10.25 6.15 -8.27
CA ILE A 30 -10.27 7.09 -9.39
C ILE A 30 -11.29 8.19 -9.18
N CYS A 31 -12.35 7.93 -8.39
CA CYS A 31 -13.45 8.88 -8.26
C CYS A 31 -12.99 10.19 -7.63
N TYR A 32 -12.44 10.13 -6.42
CA TYR A 32 -12.08 11.36 -5.71
C TYR A 32 -10.97 12.10 -6.45
N GLN A 33 -10.12 11.37 -7.18
CA GLN A 33 -9.11 12.04 -8.00
C GLN A 33 -9.74 12.88 -9.10
N ASN A 34 -10.79 12.36 -9.74
CA ASN A 34 -11.52 13.07 -10.77
C ASN A 34 -12.67 13.92 -10.21
N GLY A 35 -12.72 14.12 -8.90
CA GLY A 35 -13.68 15.02 -8.29
C GLY A 35 -14.86 14.37 -7.60
N GLY A 36 -14.79 13.08 -7.26
CA GLY A 36 -15.87 12.42 -6.57
C GLY A 36 -17.16 12.40 -7.36
N GLY A 37 -18.13 13.22 -6.93
CA GLY A 37 -19.39 13.31 -7.65
C GLY A 37 -19.22 13.81 -9.07
N ALA A 38 -18.16 14.59 -9.33
CA ALA A 38 -17.88 15.04 -10.69
C ALA A 38 -17.46 13.90 -11.61
N PHE A 39 -17.06 12.75 -11.04
CA PHE A 39 -16.74 11.56 -11.82
C PHE A 39 -17.91 10.62 -11.97
N LEU A 40 -18.82 10.60 -10.99
CA LEU A 40 -20.00 9.73 -11.07
C LEU A 40 -20.95 10.16 -12.17
N LEU A 41 -21.01 11.48 -12.47
CA LEU A 41 -21.91 11.95 -13.52
C LEU A 41 -21.46 11.47 -14.89
N PRO A 42 -20.21 11.70 -15.34
CA PRO A 42 -19.81 11.10 -16.62
C PRO A 42 -19.77 9.58 -16.58
N TYR A 43 -19.57 8.99 -15.39
CA TYR A 43 -19.68 7.54 -15.27
C TYR A 43 -21.08 7.06 -15.62
N THR A 44 -22.10 7.86 -15.32
CA THR A 44 -23.46 7.49 -15.66
C THR A 44 -23.79 7.84 -17.11
N ILE A 45 -23.25 8.95 -17.61
CA ILE A 45 -23.51 9.35 -18.99
C ILE A 45 -22.91 8.35 -19.96
N MET A 46 -21.62 8.03 -19.78
CA MET A 46 -20.96 7.08 -20.66
C MET A 46 -21.51 5.66 -20.47
N ALA A 47 -22.03 5.36 -19.28
CA ALA A 47 -22.62 4.04 -19.07
C ALA A 47 -23.88 3.85 -19.91
N ILE A 48 -24.66 4.92 -20.07
CA ILE A 48 -25.89 4.83 -20.86
C ILE A 48 -25.55 4.74 -22.35
N PHE A 49 -24.66 5.60 -22.82
CA PHE A 49 -24.33 5.69 -24.23
C PHE A 49 -23.22 4.73 -24.65
N GLY A 50 -22.27 4.45 -23.76
CA GLY A 50 -21.13 3.61 -24.07
C GLY A 50 -21.13 2.26 -23.38
N GLY A 51 -21.62 2.21 -22.15
CA GLY A 51 -21.55 1.00 -21.35
C GLY A 51 -22.51 -0.09 -21.78
N ILE A 52 -23.81 0.22 -21.75
CA ILE A 52 -24.82 -0.79 -22.04
C ILE A 52 -24.75 -1.32 -23.48
N PRO A 53 -24.63 -0.48 -24.53
CA PRO A 53 -24.74 -1.05 -25.89
C PRO A 53 -23.66 -2.05 -26.24
N LEU A 54 -22.41 -1.78 -25.87
CA LEU A 54 -21.35 -2.76 -26.05
C LEU A 54 -21.54 -3.97 -25.13
N PHE A 55 -22.30 -3.81 -24.04
CA PHE A 55 -22.55 -4.93 -23.13
C PHE A 55 -23.62 -5.87 -23.68
N TYR A 56 -24.73 -5.32 -24.17
CA TYR A 56 -25.82 -6.15 -24.68
C TYR A 56 -25.56 -6.64 -26.10
N MET A 57 -24.73 -5.93 -26.86
CA MET A 57 -24.35 -6.41 -28.19
C MET A 57 -23.70 -7.78 -28.10
N GLU A 58 -22.85 -7.99 -27.10
CA GLU A 58 -22.15 -9.26 -26.97
C GLU A 58 -23.07 -10.36 -26.45
N LEU A 59 -23.92 -10.02 -25.48
CA LEU A 59 -24.88 -11.00 -24.96
C LEU A 59 -25.92 -11.34 -26.00
N ALA A 60 -26.41 -10.34 -26.73
CA ALA A 60 -27.38 -10.60 -27.80
C ALA A 60 -26.76 -11.37 -28.95
N LEU A 61 -25.44 -11.20 -29.17
CA LEU A 61 -24.78 -11.91 -30.25
C LEU A 61 -24.64 -13.40 -29.93
N GLY A 62 -24.19 -13.72 -28.72
CA GLY A 62 -24.09 -15.12 -28.33
C GLY A 62 -25.44 -15.79 -28.20
N GLN A 63 -26.49 -14.99 -27.97
CA GLN A 63 -27.84 -15.53 -27.87
C GLN A 63 -28.26 -16.22 -29.16
N TYR A 64 -27.96 -15.61 -30.31
CA TYR A 64 -28.47 -16.09 -31.58
C TYR A 64 -27.61 -17.19 -32.20
N HIS A 65 -26.29 -17.05 -32.12
CA HIS A 65 -25.40 -17.97 -32.82
C HIS A 65 -25.09 -19.22 -32.00
N ARG A 66 -24.76 -19.05 -30.71
CA ARG A 66 -24.41 -20.16 -29.83
C ARG A 66 -23.21 -20.93 -30.38
N ASN A 67 -22.07 -20.24 -30.47
CA ASN A 67 -20.86 -20.81 -31.05
C ASN A 67 -19.58 -20.46 -30.31
N GLY A 68 -19.65 -19.67 -29.23
CA GLY A 68 -18.46 -19.31 -28.49
C GLY A 68 -17.80 -18.04 -29.02
N CYS A 69 -16.47 -18.01 -28.93
CA CYS A 69 -15.68 -16.84 -29.31
C CYS A 69 -14.88 -17.06 -30.59
N ILE A 70 -14.68 -18.31 -31.03
CA ILE A 70 -13.88 -18.61 -32.21
C ILE A 70 -14.81 -19.01 -33.34
N SER A 71 -15.60 -20.07 -33.13
CA SER A 71 -16.45 -20.60 -34.17
C SER A 71 -17.57 -19.64 -34.57
N ILE A 72 -17.93 -18.70 -33.69
CA ILE A 72 -19.03 -17.79 -34.00
C ILE A 72 -18.66 -16.91 -35.19
N TRP A 73 -17.39 -16.52 -35.31
CA TRP A 73 -16.97 -15.63 -36.38
C TRP A 73 -16.87 -16.33 -37.73
N ARG A 74 -16.96 -17.65 -37.77
CA ARG A 74 -17.18 -18.34 -39.03
C ARG A 74 -18.54 -17.99 -39.62
N LYS A 75 -19.50 -17.60 -38.78
CA LYS A 75 -20.84 -17.20 -39.22
C LYS A 75 -20.99 -15.69 -39.38
N ILE A 76 -20.44 -14.91 -38.45
CA ILE A 76 -20.53 -13.45 -38.57
C ILE A 76 -19.75 -12.98 -39.78
N CYS A 77 -18.44 -13.18 -39.77
CA CYS A 77 -17.57 -12.73 -40.84
C CYS A 77 -16.27 -13.55 -40.77
N PRO A 78 -15.96 -14.42 -41.75
CA PRO A 78 -14.84 -15.35 -41.55
C PRO A 78 -13.47 -14.69 -41.38
N ILE A 79 -13.31 -13.43 -41.76
CA ILE A 79 -12.02 -12.76 -41.64
C ILE A 79 -11.67 -12.40 -40.20
N PHE A 80 -12.62 -12.55 -39.26
CA PHE A 80 -12.43 -12.17 -37.86
C PHE A 80 -12.44 -13.35 -36.91
N LYS A 81 -12.07 -14.55 -37.39
CA LYS A 81 -11.97 -15.70 -36.50
C LYS A 81 -10.78 -15.59 -35.54
N GLY A 82 -9.82 -14.70 -35.83
CA GLY A 82 -8.67 -14.54 -34.96
C GLY A 82 -8.97 -13.81 -33.67
N ILE A 83 -10.18 -13.27 -33.51
CA ILE A 83 -10.54 -12.59 -32.26
C ILE A 83 -10.53 -13.57 -31.11
N GLY A 84 -11.11 -14.76 -31.32
CA GLY A 84 -11.15 -15.74 -30.25
C GLY A 84 -9.77 -16.18 -29.79
N TYR A 85 -8.83 -16.31 -30.72
CA TYR A 85 -7.45 -16.58 -30.33
C TYR A 85 -6.86 -15.40 -29.57
N ALA A 86 -7.15 -14.18 -30.00
CA ALA A 86 -6.66 -13.00 -29.30
C ALA A 86 -7.21 -12.95 -27.87
N ILE A 87 -8.45 -13.38 -27.68
CA ILE A 87 -9.01 -13.44 -26.33
C ILE A 87 -8.29 -14.51 -25.52
N CYS A 88 -7.92 -15.63 -26.15
CA CYS A 88 -7.25 -16.71 -25.44
C CYS A 88 -5.86 -16.28 -24.97
N ILE A 89 -5.09 -15.63 -25.85
CA ILE A 89 -3.74 -15.19 -25.47
C ILE A 89 -3.82 -14.12 -24.40
N ILE A 90 -4.71 -13.14 -24.57
CA ILE A 90 -4.89 -12.10 -23.56
C ILE A 90 -5.41 -12.71 -22.27
N ALA A 91 -6.26 -13.73 -22.37
CA ALA A 91 -6.78 -14.40 -21.19
C ALA A 91 -5.67 -15.06 -20.38
N PHE A 92 -4.65 -15.58 -21.06
CA PHE A 92 -3.52 -16.21 -20.35
C PHE A 92 -2.81 -15.19 -19.47
N TYR A 93 -2.73 -13.93 -19.92
CA TYR A 93 -2.08 -12.89 -19.14
C TYR A 93 -2.98 -12.42 -18.00
N ILE A 94 -4.28 -12.29 -18.26
CA ILE A 94 -5.20 -11.88 -17.21
C ILE A 94 -5.44 -13.01 -16.22
N ALA A 95 -5.35 -14.27 -16.67
CA ALA A 95 -5.50 -15.40 -15.77
C ALA A 95 -4.41 -15.40 -14.72
N SER A 96 -3.18 -15.06 -15.11
CA SER A 96 -2.09 -14.96 -14.16
C SER A 96 -2.30 -13.81 -13.18
N TYR A 97 -2.85 -12.69 -13.67
CA TYR A 97 -2.94 -11.47 -12.85
C TYR A 97 -3.74 -11.59 -11.61
N TYR A 98 -4.90 -12.11 -11.91
CA TYR A 98 -6.01 -12.31 -11.06
C TYR A 98 -5.98 -13.38 -9.92
N ASN A 99 -5.37 -14.49 -10.28
CA ASN A 99 -5.09 -15.75 -9.59
C ASN A 99 -3.99 -15.60 -8.57
N THR A 100 -2.98 -14.76 -8.87
CA THR A 100 -1.94 -14.48 -7.89
C THR A 100 -2.43 -13.50 -6.83
N ILE A 101 -3.28 -12.54 -7.23
CA ILE A 101 -3.81 -11.56 -6.28
C ILE A 101 -4.61 -12.24 -5.19
N MET A 102 -5.41 -13.25 -5.57
CA MET A 102 -6.21 -13.96 -4.57
C MET A 102 -5.34 -14.75 -3.61
N ALA A 103 -4.16 -15.20 -4.05
CA ALA A 103 -3.22 -15.83 -3.14
C ALA A 103 -2.76 -14.87 -2.06
N TRP A 104 -2.67 -13.58 -2.40
CA TRP A 104 -2.31 -12.57 -1.41
C TRP A 104 -3.47 -12.33 -0.45
N ALA A 105 -4.70 -12.46 -0.93
CA ALA A 105 -5.86 -12.32 -0.06
C ALA A 105 -6.11 -13.61 0.72
N LEU A 106 -5.87 -14.77 0.10
CA LEU A 106 -6.00 -16.02 0.82
C LEU A 106 -4.94 -16.15 1.91
N TYR A 107 -3.80 -15.49 1.72
CA TYR A 107 -2.81 -15.41 2.80
C TYR A 107 -3.37 -14.65 3.99
N TYR A 108 -4.26 -13.67 3.75
CA TYR A 108 -4.87 -12.92 4.84
C TYR A 108 -6.00 -13.72 5.50
N LEU A 109 -6.82 -14.41 4.71
CA LEU A 109 -7.95 -15.15 5.25
C LEU A 109 -7.47 -16.22 6.22
N ILE A 110 -6.41 -16.95 5.85
CA ILE A 110 -5.85 -17.97 6.74
C ILE A 110 -5.26 -17.33 7.98
N SER A 111 -4.60 -16.18 7.81
CA SER A 111 -4.02 -15.47 8.95
C SER A 111 -5.07 -14.70 9.74
N SER A 112 -6.20 -14.34 9.11
CA SER A 112 -7.21 -13.54 9.78
C SER A 112 -8.00 -14.33 10.82
N PHE A 113 -7.90 -15.66 10.82
CA PHE A 113 -8.59 -16.45 11.84
C PHE A 113 -8.05 -16.16 13.24
N THR A 114 -6.81 -15.73 13.37
CA THR A 114 -6.24 -15.40 14.67
C THR A 114 -6.90 -14.14 15.21
N ASP A 115 -7.22 -14.17 16.51
CA ASP A 115 -7.88 -13.02 17.12
C ASP A 115 -6.98 -11.79 17.13
N GLN A 116 -5.69 -11.99 17.40
CA GLN A 116 -4.72 -10.90 17.35
C GLN A 116 -4.24 -10.76 15.91
N LEU A 117 -4.95 -9.94 15.15
CA LEU A 117 -4.57 -9.66 13.78
C LEU A 117 -3.17 -9.05 13.75
N PRO A 118 -2.17 -9.67 13.07
CA PRO A 118 -0.83 -9.06 13.06
C PRO A 118 -0.75 -7.85 12.13
N TRP A 119 -1.55 -6.83 12.42
CA TRP A 119 -1.71 -5.65 11.57
C TRP A 119 -1.49 -4.33 12.31
N THR A 120 -1.32 -4.34 13.63
CA THR A 120 -1.17 -3.14 14.45
C THR A 120 0.12 -3.07 15.24
N SER A 121 0.74 -4.21 15.53
CA SER A 121 1.96 -4.27 16.33
C SER A 121 3.05 -4.95 15.54
N CYS A 122 4.15 -4.24 15.31
CA CYS A 122 5.34 -4.84 14.71
C CYS A 122 6.02 -5.70 15.76
N LYS A 123 5.48 -6.91 15.91
CA LYS A 123 6.01 -7.93 16.81
C LYS A 123 7.22 -8.57 16.16
N ASN A 124 7.66 -9.73 16.62
CA ASN A 124 8.99 -10.21 16.24
C ASN A 124 9.08 -10.81 14.84
N SER A 125 8.57 -10.10 13.81
CA SER A 125 8.88 -10.49 12.43
C SER A 125 8.99 -9.35 11.44
N TRP A 126 8.85 -8.09 11.84
CA TRP A 126 8.73 -6.97 10.91
C TRP A 126 10.00 -6.13 10.88
N ASN A 127 10.09 -5.27 9.85
CA ASN A 127 11.07 -4.18 9.81
C ASN A 127 10.57 -3.09 10.76
N THR A 128 10.77 -3.34 12.04
CA THR A 128 10.19 -2.50 13.08
C THR A 128 10.85 -1.13 13.16
N GLY A 129 12.02 -0.95 12.52
CA GLY A 129 12.70 0.34 12.57
C GLY A 129 11.87 1.46 11.98
N ASN A 130 11.19 1.19 10.89
CA ASN A 130 10.40 2.24 10.34
C ASN A 130 8.96 1.90 10.56
N CYS A 131 8.53 1.45 11.74
CA CYS A 131 7.20 1.03 12.15
C CYS A 131 6.71 1.86 13.32
N THR A 132 5.62 2.61 13.09
CA THR A 132 4.96 3.35 14.16
C THR A 132 3.57 3.73 13.67
N ASN A 133 2.53 3.15 14.28
CA ASN A 133 1.15 3.40 13.87
C ASN A 133 0.20 3.45 15.07
N TYR A 134 0.69 3.89 16.23
CA TYR A 134 -0.13 4.18 17.40
C TYR A 134 -0.13 5.69 17.60
N PHE A 135 -1.23 6.35 17.24
CA PHE A 135 -1.25 7.81 17.17
C PHE A 135 -1.56 8.33 18.56
N SER A 136 -0.51 8.38 19.38
CA SER A 136 -0.64 8.70 20.79
C SER A 136 -0.81 10.22 20.97
N GLU A 137 -0.71 10.69 22.21
CA GLU A 137 -0.99 12.08 22.55
C GLU A 137 0.20 12.98 22.21
N ASP A 138 0.47 13.10 20.91
CA ASP A 138 1.44 14.06 20.38
C ASP A 138 2.84 13.84 20.93
N ASN A 139 3.26 12.58 20.96
CA ASN A 139 4.64 12.19 21.25
C ASN A 139 5.19 11.37 20.07
N ILE A 140 4.85 11.81 18.87
CA ILE A 140 5.29 11.11 17.68
C ILE A 140 5.30 12.02 16.47
N THR A 141 6.10 11.64 15.49
CA THR A 141 6.20 12.36 14.25
C THR A 141 6.38 11.32 13.18
N TRP A 142 5.87 11.55 11.98
CA TRP A 142 6.02 10.53 10.96
C TRP A 142 7.04 10.93 9.93
N THR A 143 8.14 10.21 9.89
CA THR A 143 9.18 10.52 8.92
C THR A 143 8.85 9.92 7.58
N LEU A 144 9.47 10.46 6.54
CA LEU A 144 9.24 10.02 5.19
C LEU A 144 9.59 8.57 4.97
N HIS A 145 10.65 8.10 5.58
CA HIS A 145 11.05 6.72 5.37
C HIS A 145 10.36 5.77 6.33
N SER A 146 9.48 6.32 7.13
CA SER A 146 8.71 5.59 8.13
C SER A 146 7.52 4.89 7.50
N THR A 147 7.10 3.80 8.12
CA THR A 147 5.97 3.00 7.64
C THR A 147 5.13 2.55 8.83
N SER A 148 4.06 1.82 8.52
CA SER A 148 3.14 1.24 9.48
C SER A 148 3.28 -0.28 9.50
N PRO A 149 2.68 -0.97 10.47
CA PRO A 149 2.71 -2.45 10.44
C PRO A 149 2.08 -3.04 9.20
N ALA A 150 0.97 -2.47 8.73
CA ALA A 150 0.29 -3.01 7.57
C ALA A 150 1.06 -2.73 6.28
N GLU A 151 1.74 -1.59 6.21
CA GLU A 151 2.61 -1.34 5.07
C GLU A 151 3.72 -2.37 4.99
N GLU A 152 4.34 -2.69 6.13
CA GLU A 152 5.36 -3.73 6.15
C GLU A 152 4.78 -5.11 5.89
N PHE A 153 3.54 -5.34 6.32
CA PHE A 153 2.95 -6.68 6.18
C PHE A 153 2.66 -7.00 4.73
N TYR A 154 2.07 -6.06 3.99
CA TYR A 154 1.91 -6.26 2.56
C TYR A 154 3.24 -6.16 1.82
N THR A 155 4.25 -5.55 2.45
CA THR A 155 5.54 -5.36 1.80
C THR A 155 6.41 -6.61 1.91
N ARG A 156 6.74 -7.01 3.15
CA ARG A 156 7.72 -8.07 3.41
C ARG A 156 7.13 -9.28 4.12
N HIS A 157 5.79 -9.42 4.15
CA HIS A 157 5.14 -10.64 4.63
C HIS A 157 4.15 -11.22 3.64
N VAL A 158 3.80 -10.49 2.58
CA VAL A 158 3.08 -11.03 1.44
C VAL A 158 4.02 -11.21 0.25
N LEU A 159 4.60 -10.11 -0.23
CA LEU A 159 5.47 -10.16 -1.39
C LEU A 159 6.85 -10.69 -1.04
N GLN A 160 7.34 -10.40 0.17
CA GLN A 160 8.74 -10.57 0.52
C GLN A 160 9.63 -9.81 -0.48
N ILE A 161 9.17 -8.60 -0.81
CA ILE A 161 9.74 -7.82 -1.92
C ILE A 161 11.18 -7.41 -1.65
N HIS A 162 11.61 -7.35 -0.39
CA HIS A 162 12.99 -6.99 -0.08
C HIS A 162 13.99 -8.03 -0.59
N ARG A 163 13.54 -9.24 -0.89
CA ARG A 163 14.43 -10.24 -1.50
C ARG A 163 14.97 -9.80 -2.84
N SER A 164 14.20 -9.02 -3.59
CA SER A 164 14.55 -8.61 -4.95
C SER A 164 14.68 -7.09 -5.00
N LYS A 165 15.43 -6.63 -6.00
CA LYS A 165 15.75 -5.21 -6.16
C LYS A 165 14.93 -4.54 -7.26
N GLY A 166 14.41 -5.29 -8.21
CA GLY A 166 13.66 -4.70 -9.31
C GLY A 166 13.35 -5.73 -10.38
N LEU A 167 12.97 -5.22 -11.54
CA LEU A 167 12.72 -6.10 -12.69
C LEU A 167 14.00 -6.74 -13.19
N GLN A 168 15.14 -6.07 -13.02
CA GLN A 168 16.43 -6.58 -13.47
C GLN A 168 16.96 -7.72 -12.61
N ASP A 169 16.46 -7.87 -11.38
CA ASP A 169 16.92 -8.92 -10.48
C ASP A 169 15.71 -9.47 -9.73
N LEU A 170 15.39 -10.74 -9.96
CA LEU A 170 14.18 -11.36 -9.46
C LEU A 170 14.53 -12.43 -8.43
N GLY A 171 13.67 -12.59 -7.43
CA GLY A 171 13.91 -13.44 -6.28
C GLY A 171 13.33 -14.83 -6.44
N GLY A 172 13.03 -15.44 -5.30
CA GLY A 172 12.52 -16.81 -5.22
C GLY A 172 11.03 -16.87 -4.99
N ILE A 173 10.59 -17.99 -4.41
CA ILE A 173 9.17 -18.28 -4.20
C ILE A 173 8.88 -18.32 -2.71
N SER A 174 7.72 -17.80 -2.32
CA SER A 174 7.25 -17.86 -0.95
C SER A 174 6.49 -19.17 -0.74
N TRP A 175 6.85 -19.91 0.31
CA TRP A 175 6.21 -21.20 0.56
C TRP A 175 4.74 -21.04 0.92
N GLN A 176 4.39 -19.95 1.62
CA GLN A 176 3.01 -19.74 2.01
C GLN A 176 2.13 -19.46 0.80
N LEU A 177 2.58 -18.59 -0.10
CA LEU A 177 1.81 -18.32 -1.31
C LEU A 177 1.80 -19.53 -2.24
N ALA A 178 2.83 -20.39 -2.18
CA ALA A 178 2.85 -21.58 -3.00
C ALA A 178 1.74 -22.56 -2.61
N LEU A 179 1.37 -22.58 -1.33
CA LEU A 179 0.23 -23.38 -0.89
C LEU A 179 -1.09 -22.67 -1.13
N CYS A 180 -1.09 -21.34 -1.02
CA CYS A 180 -2.31 -20.57 -1.26
C CYS A 180 -2.71 -20.59 -2.72
N ILE A 181 -1.73 -20.51 -3.62
CA ILE A 181 -2.04 -20.43 -5.05
C ILE A 181 -2.63 -21.75 -5.56
N MET A 182 -2.18 -22.88 -5.01
CA MET A 182 -2.69 -24.16 -5.47
C MET A 182 -4.13 -24.37 -5.05
N LEU A 183 -4.49 -23.92 -3.85
CA LEU A 183 -5.88 -24.05 -3.38
C LEU A 183 -6.83 -23.22 -4.25
N ILE A 184 -6.32 -22.13 -4.85
CA ILE A 184 -7.17 -21.29 -5.70
C ILE A 184 -7.48 -22.00 -7.01
N PHE A 185 -6.47 -22.58 -7.65
CA PHE A 185 -6.71 -23.36 -8.86
C PHE A 185 -7.48 -24.63 -8.58
N THR A 186 -7.49 -25.10 -7.33
CA THR A 186 -8.27 -26.29 -6.99
C THR A 186 -9.77 -26.02 -7.16
N VAL A 187 -10.26 -24.95 -6.54
CA VAL A 187 -11.69 -24.64 -6.63
C VAL A 187 -12.04 -24.14 -8.04
N ILE A 188 -11.10 -23.48 -8.71
CA ILE A 188 -11.35 -23.07 -10.10
C ILE A 188 -11.47 -24.29 -11.00
N TYR A 189 -10.77 -25.37 -10.66
CA TYR A 189 -10.85 -26.58 -11.46
C TYR A 189 -12.23 -27.21 -11.38
N PHE A 190 -12.66 -27.59 -10.17
CA PHE A 190 -13.91 -28.33 -10.01
C PHE A 190 -15.13 -27.53 -10.46
N SER A 191 -15.04 -26.20 -10.41
CA SER A 191 -16.19 -25.38 -10.78
C SER A 191 -16.51 -25.51 -12.27
N ILE A 192 -15.48 -25.60 -13.11
CA ILE A 192 -15.64 -25.69 -14.55
C ILE A 192 -15.46 -27.14 -15.00
N TRP A 193 -14.67 -27.91 -14.26
CA TRP A 193 -14.44 -29.30 -14.63
C TRP A 193 -15.73 -30.11 -14.57
N LYS A 194 -16.56 -29.87 -13.56
CA LYS A 194 -17.85 -30.54 -13.48
C LYS A 194 -18.76 -30.19 -14.64
N GLY A 195 -18.58 -29.03 -15.25
CA GLY A 195 -19.34 -28.59 -16.40
C GLY A 195 -20.00 -27.24 -16.16
N VAL A 196 -20.31 -26.56 -17.26
CA VAL A 196 -21.03 -25.28 -17.19
C VAL A 196 -22.40 -25.47 -16.53
N LYS A 197 -23.00 -26.64 -16.68
CA LYS A 197 -24.28 -26.91 -16.02
C LYS A 197 -24.15 -26.85 -14.50
N THR A 198 -23.00 -27.26 -13.96
CA THR A 198 -22.77 -27.23 -12.52
C THR A 198 -22.23 -25.89 -12.03
N SER A 199 -21.59 -25.10 -12.91
CA SER A 199 -21.08 -23.80 -12.49
C SER A 199 -22.20 -22.85 -12.11
N GLY A 200 -23.42 -23.08 -12.61
CA GLY A 200 -24.54 -22.25 -12.23
C GLY A 200 -24.85 -22.31 -10.75
N LYS A 201 -24.53 -23.44 -10.10
CA LYS A 201 -24.73 -23.58 -8.66
C LYS A 201 -23.54 -23.08 -7.85
N VAL A 202 -22.37 -22.94 -8.46
CA VAL A 202 -21.23 -22.34 -7.76
C VAL A 202 -21.42 -20.83 -7.65
N VAL A 203 -21.92 -20.21 -8.71
CA VAL A 203 -22.23 -18.79 -8.67
C VAL A 203 -23.45 -18.48 -7.82
N TRP A 204 -24.23 -19.51 -7.46
CA TRP A 204 -25.41 -19.30 -6.61
C TRP A 204 -25.03 -18.71 -5.25
N VAL A 205 -23.88 -19.07 -4.72
CA VAL A 205 -23.41 -18.61 -3.42
C VAL A 205 -22.38 -17.50 -3.55
N THR A 206 -21.47 -17.63 -4.52
CA THR A 206 -20.36 -16.68 -4.61
C THR A 206 -20.80 -15.34 -5.19
N ALA A 207 -21.87 -15.32 -6.00
CA ALA A 207 -22.38 -14.08 -6.57
C ALA A 207 -23.36 -13.36 -5.65
N THR A 208 -23.72 -13.95 -4.51
CA THR A 208 -24.68 -13.38 -3.57
C THR A 208 -24.09 -13.06 -2.22
N PHE A 209 -23.10 -13.83 -1.77
CA PHE A 209 -22.46 -13.54 -0.49
C PHE A 209 -21.76 -12.18 -0.44
N PRO A 210 -21.10 -11.69 -1.49
CA PRO A 210 -20.54 -10.33 -1.41
C PRO A 210 -21.57 -9.24 -1.13
N TYR A 211 -22.76 -9.34 -1.71
CA TYR A 211 -23.81 -8.35 -1.45
C TYR A 211 -24.23 -8.39 0.01
N ILE A 212 -24.25 -9.57 0.62
CA ILE A 212 -24.48 -9.66 2.06
C ILE A 212 -23.31 -9.01 2.81
N ALA A 213 -22.09 -9.33 2.39
CA ALA A 213 -20.91 -8.85 3.12
C ALA A 213 -20.75 -7.34 2.99
N LEU A 214 -21.19 -6.75 1.88
CA LEU A 214 -21.23 -5.30 1.78
C LEU A 214 -22.11 -4.71 2.87
N SER A 215 -23.27 -5.33 3.11
CA SER A 215 -24.15 -4.86 4.18
C SER A 215 -23.54 -5.13 5.55
N VAL A 216 -22.84 -6.25 5.71
CA VAL A 216 -22.18 -6.54 6.97
C VAL A 216 -21.11 -5.51 7.27
N LEU A 217 -20.40 -5.04 6.23
CA LEU A 217 -19.34 -4.05 6.42
C LEU A 217 -19.90 -2.64 6.47
N LEU A 218 -20.98 -2.37 5.72
CA LEU A 218 -21.52 -1.01 5.64
C LEU A 218 -22.11 -0.56 6.98
N VAL A 219 -22.78 -1.46 7.69
CA VAL A 219 -23.46 -1.07 8.93
C VAL A 219 -22.44 -0.70 10.00
N ARG A 220 -21.30 -1.40 10.03
CA ARG A 220 -20.28 -1.12 11.03
C ARG A 220 -19.71 0.28 10.85
N GLY A 221 -19.07 0.54 9.70
CA GLY A 221 -18.44 1.83 9.48
C GLY A 221 -19.42 2.98 9.48
N ALA A 222 -20.67 2.73 9.09
CA ALA A 222 -21.66 3.81 9.03
C ALA A 222 -22.07 4.26 10.42
N THR A 223 -22.17 3.33 11.37
CA THR A 223 -22.62 3.67 12.72
C THR A 223 -21.52 4.27 13.58
N LEU A 224 -20.26 4.17 13.17
CA LEU A 224 -19.17 4.74 13.94
C LEU A 224 -19.05 6.23 13.66
N PRO A 225 -18.31 6.98 14.48
CA PRO A 225 -18.01 8.37 14.14
C PRO A 225 -17.18 8.47 12.86
N GLY A 226 -17.07 9.69 12.35
CA GLY A 226 -16.27 9.98 11.18
C GLY A 226 -16.87 9.58 9.85
N ALA A 227 -17.96 8.81 9.84
CA ALA A 227 -18.55 8.37 8.58
C ALA A 227 -19.07 9.56 7.78
N TRP A 228 -19.57 10.59 8.46
CA TRP A 228 -20.06 11.77 7.77
C TRP A 228 -18.94 12.47 7.01
N ARG A 229 -17.73 12.48 7.58
CA ARG A 229 -16.59 13.06 6.87
C ARG A 229 -16.17 12.19 5.70
N GLY A 230 -16.24 10.87 5.85
CA GLY A 230 -15.86 9.97 4.76
C GLY A 230 -16.81 10.06 3.59
N VAL A 231 -18.12 10.02 3.86
CA VAL A 231 -19.09 10.12 2.79
C VAL A 231 -19.03 11.50 2.14
N LEU A 232 -18.81 12.53 2.95
CA LEU A 232 -18.71 13.89 2.41
C LEU A 232 -17.48 14.03 1.52
N PHE A 233 -16.35 13.46 1.95
CA PHE A 233 -15.13 13.52 1.14
C PHE A 233 -15.32 12.84 -0.21
N TYR A 234 -16.17 11.83 -0.28
CA TYR A 234 -16.34 11.03 -1.49
C TYR A 234 -17.36 11.64 -2.45
N LEU A 235 -18.50 12.10 -1.93
CA LEU A 235 -19.60 12.55 -2.78
C LEU A 235 -19.57 14.05 -3.05
N LYS A 236 -18.77 14.83 -2.33
CA LYS A 236 -18.68 16.26 -2.57
C LYS A 236 -18.13 16.51 -3.97
N PRO A 237 -18.92 17.02 -4.92
CA PRO A 237 -18.42 17.13 -6.29
C PRO A 237 -17.41 18.25 -6.47
N ASN A 238 -16.48 18.02 -7.39
CA ASN A 238 -15.51 19.03 -7.83
C ASN A 238 -15.82 19.30 -9.30
N TRP A 239 -16.71 20.27 -9.54
CA TRP A 239 -17.33 20.42 -10.85
C TRP A 239 -16.32 20.84 -11.91
N GLN A 240 -15.43 21.78 -11.60
CA GLN A 240 -14.49 22.27 -12.60
C GLN A 240 -13.51 21.19 -13.05
N LYS A 241 -13.30 20.14 -12.24
CA LYS A 241 -12.46 19.03 -12.66
C LYS A 241 -13.07 18.28 -13.84
N LEU A 242 -14.39 18.34 -14.00
CA LEU A 242 -15.06 17.65 -15.10
C LEU A 242 -14.65 18.20 -16.47
N LEU A 243 -14.20 19.45 -16.53
CA LEU A 243 -13.81 20.05 -17.80
C LEU A 243 -12.54 19.43 -18.39
N GLU A 244 -11.78 18.67 -17.60
CA GLU A 244 -10.57 18.02 -18.10
C GLU A 244 -10.92 16.74 -18.84
N THR A 245 -10.11 16.43 -19.86
CA THR A 245 -10.36 15.24 -20.65
C THR A 245 -10.10 13.96 -19.85
N GLY A 246 -9.21 14.01 -18.86
CA GLY A 246 -8.88 12.82 -18.09
C GLY A 246 -10.08 12.24 -17.34
N VAL A 247 -11.03 13.09 -16.97
CA VAL A 247 -12.22 12.60 -16.27
C VAL A 247 -13.09 11.77 -17.21
N TRP A 248 -13.26 12.24 -18.45
CA TRP A 248 -14.13 11.54 -19.40
C TRP A 248 -13.52 10.23 -19.84
N ILE A 249 -12.20 10.17 -20.01
CA ILE A 249 -11.55 8.93 -20.39
C ILE A 249 -11.64 7.92 -19.25
N ASP A 250 -11.41 8.38 -18.02
CA ASP A 250 -11.50 7.49 -16.87
C ASP A 250 -12.92 7.00 -16.66
N ALA A 251 -13.91 7.86 -16.92
CA ALA A 251 -15.30 7.45 -16.81
C ALA A 251 -15.65 6.41 -17.87
N ALA A 252 -15.19 6.62 -19.11
CA ALA A 252 -15.42 5.63 -20.15
C ALA A 252 -14.61 4.37 -19.92
N ALA A 253 -13.44 4.50 -19.29
CA ALA A 253 -12.60 3.34 -19.03
C ALA A 253 -13.18 2.47 -17.92
N GLN A 254 -13.75 3.10 -16.88
CA GLN A 254 -14.28 2.35 -15.75
C GLN A 254 -15.46 1.48 -16.17
N ILE A 255 -16.36 2.02 -16.99
CA ILE A 255 -17.54 1.27 -17.42
C ILE A 255 -17.13 0.06 -18.25
N PHE A 256 -16.05 0.18 -19.02
CA PHE A 256 -15.62 -0.93 -19.87
C PHE A 256 -15.12 -2.09 -19.02
N PHE A 257 -14.21 -1.83 -18.09
CA PHE A 257 -13.67 -2.89 -17.26
C PHE A 257 -14.65 -3.32 -16.19
N SER A 258 -15.56 -2.43 -15.78
CA SER A 258 -16.61 -2.81 -14.84
C SER A 258 -17.56 -3.81 -15.49
N LEU A 259 -18.02 -3.52 -16.71
CA LEU A 259 -18.91 -4.44 -17.43
C LEU A 259 -18.11 -5.57 -18.05
N GLY A 260 -16.99 -5.25 -18.68
CA GLY A 260 -16.12 -6.22 -19.32
C GLY A 260 -16.70 -6.88 -20.56
N PRO A 261 -17.01 -6.11 -21.59
CA PRO A 261 -17.19 -6.70 -22.92
C PRO A 261 -15.86 -6.80 -23.65
N GLY A 262 -15.87 -7.57 -24.74
CA GLY A 262 -14.67 -7.81 -25.50
C GLY A 262 -13.76 -8.90 -24.94
N PHE A 263 -14.02 -9.38 -23.73
CA PHE A 263 -13.20 -10.39 -23.10
C PHE A 263 -13.66 -11.81 -23.41
N GLY A 264 -14.72 -11.98 -24.21
CA GLY A 264 -15.20 -13.29 -24.60
C GLY A 264 -15.96 -14.04 -23.55
N VAL A 265 -16.04 -13.54 -22.32
CA VAL A 265 -16.71 -14.26 -21.26
C VAL A 265 -18.21 -14.05 -21.34
N LEU A 266 -18.64 -12.81 -21.58
CA LEU A 266 -20.06 -12.53 -21.77
C LEU A 266 -20.60 -13.24 -23.01
N LEU A 267 -19.79 -13.31 -24.07
CA LEU A 267 -20.21 -13.95 -25.30
C LEU A 267 -20.47 -15.43 -25.07
N ALA A 268 -19.61 -16.09 -24.29
CA ALA A 268 -19.76 -17.52 -24.04
C ALA A 268 -21.01 -17.81 -23.22
N PHE A 269 -21.39 -16.91 -22.32
CA PHE A 269 -22.52 -17.18 -21.44
C PHE A 269 -23.84 -17.20 -22.21
N ALA A 270 -24.03 -16.24 -23.11
CA ALA A 270 -25.25 -16.20 -23.90
C ALA A 270 -25.38 -17.36 -24.87
N SER A 271 -24.30 -18.13 -25.09
CA SER A 271 -24.29 -19.21 -26.06
C SER A 271 -24.91 -20.50 -25.53
N TYR A 272 -25.45 -20.51 -24.31
CA TYR A 272 -25.96 -21.72 -23.66
C TYR A 272 -27.46 -21.67 -23.41
N ASN A 273 -28.19 -20.78 -24.07
CA ASN A 273 -29.66 -20.77 -23.97
C ASN A 273 -30.20 -19.82 -25.03
N LYS A 274 -31.43 -20.09 -25.45
CA LYS A 274 -32.07 -19.24 -26.46
C LYS A 274 -32.41 -17.86 -25.89
N PHE A 275 -32.75 -17.79 -24.61
CA PHE A 275 -33.17 -16.54 -23.96
C PHE A 275 -34.32 -15.89 -24.72
N ASN A 276 -35.39 -16.64 -24.93
CA ASN A 276 -36.55 -16.13 -25.63
C ASN A 276 -37.29 -15.09 -24.80
N ASN A 277 -37.30 -13.84 -25.27
CA ASN A 277 -38.08 -12.75 -24.69
C ASN A 277 -37.60 -12.33 -23.30
N ASN A 278 -36.34 -12.63 -22.94
CA ASN A 278 -35.85 -12.27 -21.61
C ASN A 278 -34.40 -11.80 -21.58
N CYS A 279 -33.73 -11.65 -22.72
CA CYS A 279 -32.31 -11.28 -22.70
C CYS A 279 -32.12 -9.80 -22.40
N TYR A 280 -32.94 -8.94 -23.02
CA TYR A 280 -32.81 -7.50 -22.80
C TYR A 280 -33.12 -7.13 -21.36
N GLN A 281 -34.01 -7.89 -20.71
CA GLN A 281 -34.33 -7.65 -19.31
C GLN A 281 -33.18 -8.08 -18.40
N ASP A 282 -32.45 -9.14 -18.79
CA ASP A 282 -31.35 -9.63 -17.97
C ASP A 282 -30.14 -8.71 -18.05
N ALA A 283 -29.74 -8.34 -19.27
CA ALA A 283 -28.52 -7.56 -19.45
C ALA A 283 -28.66 -6.16 -18.88
N LEU A 284 -29.85 -5.56 -19.00
CA LEU A 284 -30.05 -4.20 -18.52
C LEU A 284 -29.94 -4.12 -17.00
N VAL A 285 -30.34 -5.17 -16.29
CA VAL A 285 -30.25 -5.16 -14.83
C VAL A 285 -28.79 -5.27 -14.40
N THR A 286 -27.99 -6.03 -15.13
CA THR A 286 -26.58 -6.19 -14.78
C THR A 286 -25.83 -4.87 -14.87
N SER A 287 -26.09 -4.09 -15.92
CA SER A 287 -25.35 -2.85 -16.12
C SER A 287 -25.64 -1.84 -15.02
N VAL A 288 -26.88 -1.80 -14.54
CA VAL A 288 -27.23 -0.87 -13.47
C VAL A 288 -26.85 -1.44 -12.09
N VAL A 289 -27.04 -2.74 -11.87
CA VAL A 289 -26.66 -3.33 -10.59
C VAL A 289 -25.15 -3.28 -10.41
N ASN A 290 -24.32 -3.52 -11.58
CA ASN A 290 -22.86 -3.43 -11.64
C ASN A 290 -22.35 -2.05 -11.24
N CYS A 291 -23.08 -0.93 -11.79
CA CYS A 291 -22.75 0.46 -11.52
C CYS A 291 -23.20 0.87 -10.12
N MET A 292 -24.33 0.35 -9.66
CA MET A 292 -24.75 0.61 -8.28
C MET A 292 -23.92 -0.18 -7.29
N THR A 293 -23.53 -1.40 -7.66
CA THR A 293 -22.69 -2.21 -6.75
C THR A 293 -21.33 -1.56 -6.56
N SER A 294 -20.73 -1.04 -7.63
CA SER A 294 -19.45 -0.34 -7.50
C SER A 294 -19.62 0.94 -6.69
N PHE A 295 -20.77 1.60 -6.84
CA PHE A 295 -21.05 2.79 -6.02
C PHE A 295 -21.11 2.41 -4.55
N VAL A 296 -21.84 1.34 -4.21
CA VAL A 296 -21.88 0.88 -2.83
C VAL A 296 -20.51 0.36 -2.39
N SER A 297 -19.75 -0.20 -3.32
CA SER A 297 -18.43 -0.74 -3.00
C SER A 297 -17.51 0.35 -2.47
N GLY A 298 -17.30 1.40 -3.26
CA GLY A 298 -16.50 2.52 -2.80
C GLY A 298 -17.13 3.25 -1.62
N PHE A 299 -18.46 3.20 -1.51
CA PHE A 299 -19.15 3.88 -0.42
C PHE A 299 -18.81 3.24 0.92
N VAL A 300 -18.45 1.96 0.94
CA VAL A 300 -18.06 1.29 2.18
C VAL A 300 -16.62 1.65 2.55
N ILE A 301 -15.75 1.78 1.55
CA ILE A 301 -14.33 2.01 1.82
C ILE A 301 -14.13 3.36 2.50
N PHE A 302 -14.59 4.43 1.85
CA PHE A 302 -14.42 5.76 2.42
C PHE A 302 -15.25 5.95 3.68
N THR A 303 -16.35 5.20 3.83
CA THR A 303 -17.09 5.23 5.08
C THR A 303 -16.25 4.71 6.23
N VAL A 304 -15.34 3.77 5.96
CA VAL A 304 -14.45 3.25 6.99
C VAL A 304 -13.23 4.16 7.15
N LEU A 305 -12.74 4.74 6.05
CA LEU A 305 -11.65 5.70 6.13
C LEU A 305 -12.06 6.94 6.92
N GLY A 306 -13.35 7.28 6.90
CA GLY A 306 -13.81 8.46 7.63
C GLY A 306 -13.64 8.32 9.12
N TYR A 307 -13.88 7.12 9.66
CA TYR A 307 -13.67 6.89 11.09
C TYR A 307 -12.19 6.99 11.43
N MET A 308 -11.31 6.52 10.54
CA MET A 308 -9.88 6.69 10.77
C MET A 308 -9.49 8.15 10.67
N ALA A 309 -9.92 8.84 9.60
CA ALA A 309 -9.51 10.21 9.36
C ALA A 309 -9.89 11.13 10.51
N GLU A 310 -10.95 10.79 11.25
CA GLU A 310 -11.23 11.46 12.52
C GLU A 310 -10.17 11.11 13.55
N MET A 311 -9.78 9.84 13.60
CA MET A 311 -8.73 9.42 14.53
C MET A 311 -7.35 9.88 14.07
N ARG A 312 -7.13 9.94 12.76
CA ARG A 312 -5.81 10.23 12.21
C ARG A 312 -5.48 11.72 12.21
N ASN A 313 -6.45 12.59 12.50
CA ASN A 313 -6.22 14.03 12.56
C ASN A 313 -5.74 14.57 11.21
N GLU A 314 -6.33 14.06 10.14
CA GLU A 314 -5.96 14.47 8.79
C GLU A 314 -7.11 14.16 7.85
N ASP A 315 -6.98 14.64 6.62
CA ASP A 315 -7.97 14.40 5.57
C ASP A 315 -7.69 13.07 4.88
N VAL A 316 -8.75 12.49 4.30
CA VAL A 316 -8.61 11.23 3.58
C VAL A 316 -7.73 11.41 2.35
N SER A 317 -7.65 12.62 1.82
CA SER A 317 -6.71 12.89 0.73
C SER A 317 -5.28 12.78 1.24
N GLU A 318 -4.35 12.52 0.32
CA GLU A 318 -2.94 12.34 0.62
C GLU A 318 -2.69 11.17 1.56
N VAL A 319 -3.57 10.17 1.52
CA VAL A 319 -3.47 8.97 2.35
C VAL A 319 -3.31 7.78 1.41
N ALA A 320 -2.16 7.09 1.50
CA ALA A 320 -1.86 5.93 0.67
C ALA A 320 -1.92 6.29 -0.82
N LYS A 321 -1.03 7.18 -1.24
CA LYS A 321 -0.99 7.62 -2.63
C LYS A 321 -0.43 6.55 -3.56
N ASP A 322 0.11 5.45 -3.01
CA ASP A 322 0.90 4.50 -3.78
C ASP A 322 0.15 3.91 -4.98
N ALA A 323 -0.91 3.14 -4.73
CA ALA A 323 -1.64 2.50 -5.82
C ALA A 323 -2.92 1.91 -5.25
N GLY A 324 -3.82 1.51 -6.15
CA GLY A 324 -5.07 0.88 -5.80
C GLY A 324 -4.94 -0.31 -4.86
N PRO A 325 -4.27 -1.40 -5.32
CA PRO A 325 -4.13 -2.57 -4.45
C PRO A 325 -3.37 -2.28 -3.17
N SER A 326 -2.23 -1.59 -3.28
CA SER A 326 -1.46 -1.25 -2.10
C SER A 326 -2.27 -0.42 -1.12
N LEU A 327 -3.24 0.35 -1.59
CA LEU A 327 -4.15 1.04 -0.69
C LEU A 327 -5.02 0.05 0.06
N LEU A 328 -5.67 -0.86 -0.66
CA LEU A 328 -6.67 -1.73 -0.04
C LEU A 328 -6.01 -2.76 0.87
N PHE A 329 -4.96 -3.44 0.38
CA PHE A 329 -4.33 -4.49 1.18
C PHE A 329 -3.71 -3.93 2.46
N ILE A 330 -3.37 -2.64 2.47
CA ILE A 330 -2.72 -2.02 3.62
C ILE A 330 -3.71 -1.17 4.41
N THR A 331 -4.26 -0.14 3.76
CA THR A 331 -5.01 0.89 4.48
C THR A 331 -6.28 0.30 5.09
N TYR A 332 -7.10 -0.36 4.27
CA TYR A 332 -8.34 -0.93 4.78
C TYR A 332 -8.07 -2.05 5.79
N ALA A 333 -6.92 -2.71 5.67
CA ALA A 333 -6.55 -3.72 6.66
C ALA A 333 -6.29 -3.09 8.03
N GLU A 334 -5.66 -1.90 8.04
CA GLU A 334 -5.43 -1.21 9.30
C GLU A 334 -6.74 -0.91 10.03
N ALA A 335 -7.77 -0.53 9.27
CA ALA A 335 -9.03 -0.12 9.88
C ALA A 335 -9.72 -1.28 10.57
N ILE A 336 -9.58 -2.50 10.01
CA ILE A 336 -10.23 -3.67 10.59
C ILE A 336 -9.75 -3.90 12.02
N ALA A 337 -8.44 -3.86 12.23
CA ALA A 337 -7.89 -4.04 13.56
C ALA A 337 -8.15 -2.84 14.46
N ASN A 338 -8.36 -1.65 13.88
CA ASN A 338 -8.70 -0.47 14.67
C ASN A 338 -10.18 -0.37 15.00
N MET A 339 -11.04 -1.08 14.29
CA MET A 339 -12.45 -1.15 14.68
C MET A 339 -12.57 -2.05 15.90
N PRO A 340 -13.41 -1.72 16.92
CA PRO A 340 -13.50 -2.57 18.10
C PRO A 340 -14.02 -3.98 17.83
N ALA A 341 -14.67 -4.18 16.68
CA ALA A 341 -15.30 -5.44 16.33
C ALA A 341 -14.37 -6.34 15.50
N SER A 342 -13.07 -6.29 15.74
CA SER A 342 -12.12 -7.10 14.99
C SER A 342 -12.34 -8.59 15.30
N THR A 343 -11.57 -9.42 14.60
CA THR A 343 -11.58 -10.89 14.63
C THR A 343 -12.75 -11.47 13.85
N PHE A 344 -13.72 -10.67 13.42
CA PHE A 344 -14.85 -11.12 12.61
C PHE A 344 -14.84 -10.52 11.22
N PHE A 345 -14.74 -9.19 11.12
CA PHE A 345 -14.77 -8.53 9.82
C PHE A 345 -13.49 -8.70 9.03
N ALA A 346 -12.40 -9.14 9.67
CA ALA A 346 -11.23 -9.54 8.90
C ALA A 346 -11.53 -10.77 8.04
N ILE A 347 -12.44 -11.63 8.50
CA ILE A 347 -12.86 -12.78 7.71
C ILE A 347 -13.86 -12.37 6.63
N ILE A 348 -14.77 -11.45 6.96
CA ILE A 348 -15.88 -11.14 6.06
C ILE A 348 -15.36 -10.47 4.80
N PHE A 349 -14.51 -9.45 4.94
CA PHE A 349 -14.03 -8.72 3.77
C PHE A 349 -13.12 -9.60 2.90
N PHE A 350 -12.14 -10.24 3.52
CA PHE A 350 -11.20 -11.06 2.78
C PHE A 350 -11.72 -12.47 2.51
N LEU A 351 -13.00 -12.73 2.77
CA LEU A 351 -13.70 -13.86 2.18
C LEU A 351 -14.52 -13.44 0.97
N MET A 352 -15.03 -12.21 0.94
CA MET A 352 -15.68 -11.71 -0.26
C MET A 352 -14.68 -11.22 -1.29
N LEU A 353 -13.56 -10.63 -0.84
CA LEU A 353 -12.53 -10.18 -1.77
C LEU A 353 -11.98 -11.36 -2.56
N ILE A 354 -11.86 -12.52 -1.91
CA ILE A 354 -11.50 -13.74 -2.63
C ILE A 354 -12.68 -14.25 -3.45
N THR A 355 -13.89 -14.17 -2.89
CA THR A 355 -15.07 -14.65 -3.60
C THR A 355 -15.35 -13.81 -4.84
N LEU A 356 -15.20 -12.49 -4.73
CA LEU A 356 -15.33 -11.61 -5.89
C LEU A 356 -14.29 -11.97 -6.96
N GLY A 357 -13.09 -12.35 -6.53
CA GLY A 357 -12.09 -12.80 -7.48
C GLY A 357 -12.40 -14.19 -8.02
N LEU A 358 -12.68 -15.13 -7.12
CA LEU A 358 -12.98 -16.50 -7.53
C LEU A 358 -14.21 -16.54 -8.44
N ASP A 359 -15.29 -15.87 -8.07
CA ASP A 359 -16.47 -15.92 -8.92
C ASP A 359 -16.09 -15.34 -10.27
N SER A 360 -15.34 -14.24 -10.25
CA SER A 360 -14.97 -13.63 -11.52
C SER A 360 -13.87 -14.44 -12.20
N SER A 361 -13.08 -15.21 -11.42
CA SER A 361 -12.05 -16.06 -12.01
C SER A 361 -12.65 -17.34 -12.57
N PHE A 362 -13.70 -17.87 -11.92
CA PHE A 362 -14.41 -19.01 -12.48
C PHE A 362 -14.96 -18.67 -13.86
N ALA A 363 -15.55 -17.48 -13.98
CA ALA A 363 -16.16 -17.06 -15.23
C ALA A 363 -15.13 -16.83 -16.32
N GLY A 364 -13.92 -16.40 -15.94
CA GLY A 364 -12.90 -16.12 -16.93
C GLY A 364 -12.52 -17.33 -17.75
N LEU A 365 -12.26 -18.46 -17.08
CA LEU A 365 -11.85 -19.67 -17.78
C LEU A 365 -12.98 -20.22 -18.64
N GLU A 366 -14.23 -19.98 -18.24
CA GLU A 366 -15.36 -20.48 -19.02
C GLU A 366 -15.40 -19.84 -20.41
N GLY A 367 -15.00 -18.57 -20.50
CA GLY A 367 -14.97 -17.91 -21.80
C GLY A 367 -13.94 -18.53 -22.73
N VAL A 368 -12.75 -18.83 -22.19
CA VAL A 368 -11.70 -19.45 -23.01
C VAL A 368 -12.07 -20.89 -23.31
N ILE A 369 -12.49 -21.65 -22.30
CA ILE A 369 -12.76 -23.06 -22.48
C ILE A 369 -13.97 -23.26 -23.39
N THR A 370 -14.93 -22.34 -23.35
CA THR A 370 -16.05 -22.39 -24.29
C THR A 370 -15.58 -22.13 -25.70
N ALA A 371 -14.57 -21.27 -25.87
CA ALA A 371 -14.13 -20.89 -27.21
C ALA A 371 -13.44 -22.05 -27.92
N VAL A 372 -12.43 -22.64 -27.28
CA VAL A 372 -11.63 -23.67 -27.94
C VAL A 372 -12.47 -24.93 -28.17
N LEU A 373 -13.33 -25.29 -27.21
CA LEU A 373 -14.11 -26.51 -27.33
C LEU A 373 -15.14 -26.43 -28.45
N ASP A 374 -15.63 -25.22 -28.75
CA ASP A 374 -16.57 -25.06 -29.85
C ASP A 374 -15.91 -25.23 -31.21
N GLU A 375 -14.60 -25.05 -31.30
CA GLU A 375 -13.86 -25.22 -32.55
C GLU A 375 -13.44 -26.67 -32.77
N PHE A 376 -12.97 -27.35 -31.73
CA PHE A 376 -12.45 -28.71 -31.82
C PHE A 376 -13.42 -29.69 -31.19
N PRO A 377 -14.41 -30.20 -31.93
CA PRO A 377 -15.36 -31.15 -31.31
C PRO A 377 -14.72 -32.47 -30.91
N HIS A 378 -13.59 -32.85 -31.51
CA HIS A 378 -12.90 -34.06 -31.08
C HIS A 378 -12.28 -33.91 -29.70
N VAL A 379 -12.09 -32.69 -29.21
CA VAL A 379 -11.73 -32.44 -27.83
C VAL A 379 -12.96 -32.34 -26.94
N TRP A 380 -14.00 -31.66 -27.41
CA TRP A 380 -15.21 -31.48 -26.60
C TRP A 380 -15.97 -32.79 -26.43
N ALA A 381 -15.91 -33.67 -27.43
CA ALA A 381 -16.72 -34.88 -27.40
C ALA A 381 -16.24 -35.85 -26.32
N LYS A 382 -14.92 -35.94 -26.11
CA LYS A 382 -14.33 -36.90 -25.20
C LYS A 382 -13.35 -36.30 -24.20
N ARG A 383 -12.65 -35.22 -24.57
CA ARG A 383 -11.60 -34.63 -23.72
C ARG A 383 -12.05 -33.32 -23.08
N ARG A 384 -13.36 -33.08 -22.98
CA ARG A 384 -13.83 -31.87 -22.33
C ARG A 384 -13.44 -31.85 -20.85
N GLU A 385 -13.43 -33.02 -20.22
CA GLU A 385 -12.98 -33.10 -18.82
C GLU A 385 -11.48 -32.93 -18.72
N ARG A 386 -10.72 -33.46 -19.70
CA ARG A 386 -9.27 -33.32 -19.67
C ARG A 386 -8.83 -31.95 -20.14
N PHE A 387 -9.60 -31.31 -21.01
CA PHE A 387 -9.19 -30.01 -21.55
C PHE A 387 -9.15 -28.95 -20.45
N VAL A 388 -10.07 -29.04 -19.48
CA VAL A 388 -10.08 -28.07 -18.38
C VAL A 388 -8.80 -28.20 -17.57
N LEU A 389 -8.33 -29.43 -17.37
CA LEU A 389 -7.09 -29.64 -16.62
C LEU A 389 -5.90 -29.04 -17.35
N ALA A 390 -5.93 -29.06 -18.69
CA ALA A 390 -4.85 -28.44 -19.46
C ALA A 390 -4.82 -26.93 -19.28
N VAL A 391 -5.99 -26.31 -19.12
CA VAL A 391 -6.05 -24.85 -18.98
C VAL A 391 -5.66 -24.43 -17.57
N VAL A 392 -6.14 -25.18 -16.56
CA VAL A 392 -5.85 -24.83 -15.18
C VAL A 392 -4.36 -24.98 -14.89
N ILE A 393 -3.76 -26.08 -15.35
CA ILE A 393 -2.31 -26.24 -15.22
C ILE A 393 -1.59 -25.19 -16.06
N THR A 394 -2.13 -24.87 -17.24
CA THR A 394 -1.55 -23.81 -18.05
C THR A 394 -1.62 -22.47 -17.33
N CYS A 395 -2.75 -22.19 -16.67
CA CYS A 395 -2.88 -20.96 -15.90
C CYS A 395 -2.00 -20.99 -14.64
N PHE A 396 -1.71 -22.19 -14.12
CA PHE A 396 -0.84 -22.28 -12.95
C PHE A 396 0.56 -21.78 -13.26
N PHE A 397 1.16 -22.28 -14.35
CA PHE A 397 2.45 -21.76 -14.78
C PHE A 397 2.37 -20.29 -15.18
N GLY A 398 1.19 -19.85 -15.66
CA GLY A 398 1.00 -18.44 -15.94
C GLY A 398 1.09 -17.60 -14.68
N SER A 399 0.48 -18.07 -13.59
CA SER A 399 0.53 -17.35 -12.32
C SER A 399 1.88 -17.50 -11.63
N LEU A 400 2.62 -18.56 -11.93
CA LEU A 400 3.89 -18.81 -11.25
C LEU A 400 4.93 -17.75 -11.57
N VAL A 401 4.72 -16.97 -12.64
CA VAL A 401 5.70 -15.95 -13.03
C VAL A 401 5.89 -14.92 -11.93
N THR A 402 4.82 -14.64 -11.17
CA THR A 402 4.92 -13.67 -10.09
C THR A 402 5.61 -14.26 -8.86
N LEU A 403 5.18 -15.45 -8.44
CA LEU A 403 5.53 -15.94 -7.11
C LEU A 403 7.02 -16.25 -7.00
N THR A 404 7.56 -17.03 -7.93
CA THR A 404 8.95 -17.47 -7.84
C THR A 404 9.94 -16.44 -8.38
N PHE A 405 9.48 -15.22 -8.70
CA PHE A 405 10.35 -14.13 -9.16
C PHE A 405 10.38 -12.96 -8.18
N GLY A 406 10.01 -13.18 -6.92
CA GLY A 406 10.27 -12.23 -5.86
C GLY A 406 9.06 -11.49 -5.32
N GLY A 407 8.18 -10.99 -6.17
CA GLY A 407 7.05 -10.22 -5.69
C GLY A 407 6.27 -9.61 -6.83
N ALA A 408 5.69 -8.44 -6.55
CA ALA A 408 4.71 -7.79 -7.41
C ALA A 408 5.34 -7.03 -8.58
N TYR A 409 6.62 -7.21 -8.88
CA TYR A 409 7.22 -6.52 -10.01
C TYR A 409 6.61 -6.99 -11.34
N VAL A 410 6.15 -8.23 -11.39
CA VAL A 410 5.53 -8.74 -12.61
C VAL A 410 4.06 -8.34 -12.68
N VAL A 411 3.39 -8.21 -11.53
CA VAL A 411 1.96 -7.94 -11.51
C VAL A 411 1.67 -6.53 -12.01
N LYS A 412 2.27 -5.53 -11.36
CA LYS A 412 2.00 -4.14 -11.72
C LYS A 412 2.48 -3.83 -13.13
N LEU A 413 3.58 -4.44 -13.55
CA LEU A 413 4.03 -4.27 -14.94
C LEU A 413 3.05 -4.93 -15.90
N LEU A 414 2.54 -6.12 -15.52
CA LEU A 414 1.57 -6.80 -16.36
C LEU A 414 0.19 -6.16 -16.26
N GLU A 415 -0.06 -5.39 -15.20
CA GLU A 415 -1.37 -4.76 -15.02
C GLU A 415 -1.65 -3.76 -16.15
N GLU A 416 -0.72 -2.86 -16.42
CA GLU A 416 -1.00 -1.71 -17.27
C GLU A 416 -1.12 -2.07 -18.74
N TYR A 417 -0.76 -3.30 -19.14
CA TYR A 417 -0.67 -3.65 -20.55
C TYR A 417 -1.41 -4.94 -20.89
N ALA A 418 -1.59 -5.83 -19.92
CA ALA A 418 -2.38 -7.03 -20.17
C ALA A 418 -3.83 -6.71 -20.46
N THR A 419 -4.34 -5.61 -19.87
CA THR A 419 -5.69 -5.12 -20.08
C THR A 419 -5.68 -3.74 -20.72
N GLY A 420 -4.72 -3.50 -21.61
CA GLY A 420 -4.50 -2.20 -22.20
C GLY A 420 -5.27 -2.01 -23.49
N PRO A 421 -4.63 -1.45 -24.54
CA PRO A 421 -5.33 -1.34 -25.83
C PRO A 421 -5.68 -2.68 -26.47
N ALA A 422 -5.09 -3.78 -26.00
CA ALA A 422 -5.38 -5.09 -26.58
C ALA A 422 -6.84 -5.46 -26.37
N VAL A 423 -7.34 -5.35 -25.13
CA VAL A 423 -8.72 -5.70 -24.85
C VAL A 423 -9.66 -4.69 -25.48
N LEU A 424 -9.23 -3.43 -25.55
CA LEU A 424 -10.01 -2.41 -26.25
C LEU A 424 -9.97 -2.62 -27.76
N THR A 425 -8.84 -3.08 -28.27
CA THR A 425 -8.75 -3.41 -29.70
C THR A 425 -9.70 -4.54 -30.05
N VAL A 426 -9.75 -5.58 -29.21
CA VAL A 426 -10.70 -6.67 -29.43
C VAL A 426 -12.13 -6.13 -29.35
N ALA A 427 -12.44 -5.40 -28.28
CA ALA A 427 -13.79 -4.87 -28.10
C ALA A 427 -14.18 -3.94 -29.24
N LEU A 428 -13.21 -3.23 -29.81
CA LEU A 428 -13.49 -2.36 -30.95
C LEU A 428 -13.86 -3.18 -32.18
N ILE A 429 -13.03 -4.17 -32.53
CA ILE A 429 -13.25 -4.93 -33.76
C ILE A 429 -14.51 -5.79 -33.64
N GLU A 430 -14.86 -6.23 -32.43
CA GLU A 430 -16.12 -6.93 -32.23
C GLU A 430 -17.30 -6.02 -32.54
N ALA A 431 -17.16 -4.73 -32.23
CA ALA A 431 -18.21 -3.78 -32.56
C ALA A 431 -18.20 -3.44 -34.04
N VAL A 432 -17.01 -3.29 -34.63
CA VAL A 432 -16.92 -2.91 -36.03
C VAL A 432 -17.35 -4.06 -36.94
N ALA A 433 -16.87 -5.28 -36.64
CA ALA A 433 -17.15 -6.42 -37.49
C ALA A 433 -18.64 -6.79 -37.46
N VAL A 434 -19.26 -6.73 -36.29
CA VAL A 434 -20.67 -7.10 -36.17
C VAL A 434 -21.59 -6.03 -36.75
N SER A 435 -21.15 -4.78 -36.83
CA SER A 435 -21.99 -3.66 -37.24
C SER A 435 -21.78 -3.22 -38.68
N TRP A 436 -20.53 -2.98 -39.10
CA TRP A 436 -20.26 -2.39 -40.42
C TRP A 436 -20.20 -3.44 -41.51
N PHE A 437 -19.27 -4.39 -41.42
CA PHE A 437 -19.18 -5.43 -42.45
C PHE A 437 -20.37 -6.37 -42.38
N TYR A 438 -20.53 -7.06 -41.25
CA TYR A 438 -21.77 -7.78 -40.99
C TYR A 438 -22.85 -6.73 -40.77
N GLY A 439 -23.81 -6.68 -41.68
CA GLY A 439 -24.85 -5.66 -41.68
C GLY A 439 -25.60 -5.56 -40.36
N ILE A 440 -25.56 -4.36 -39.75
CA ILE A 440 -26.28 -4.14 -38.50
C ILE A 440 -27.78 -4.34 -38.69
N THR A 441 -28.29 -4.13 -39.90
CA THR A 441 -29.68 -4.47 -40.19
C THR A 441 -29.92 -5.96 -40.00
N GLN A 442 -28.93 -6.79 -40.31
CA GLN A 442 -29.06 -8.23 -40.11
C GLN A 442 -28.88 -8.61 -38.65
N PHE A 443 -27.99 -7.93 -37.93
CA PHE A 443 -27.84 -8.18 -36.51
C PHE A 443 -29.08 -7.72 -35.75
N CYS A 444 -29.60 -6.54 -36.10
CA CYS A 444 -30.87 -6.09 -35.53
C CYS A 444 -31.99 -7.04 -35.90
N ARG A 445 -31.91 -7.68 -37.06
CA ARG A 445 -32.90 -8.68 -37.44
C ARG A 445 -32.75 -9.94 -36.61
N ASP A 446 -31.52 -10.40 -36.43
CA ASP A 446 -31.28 -11.64 -35.70
C ASP A 446 -31.70 -11.52 -34.24
N VAL A 447 -31.61 -10.32 -33.66
CA VAL A 447 -31.95 -10.15 -32.24
C VAL A 447 -33.45 -10.01 -32.05
N LYS A 448 -34.12 -9.24 -32.92
CA LYS A 448 -35.53 -8.97 -32.72
C LYS A 448 -36.40 -10.19 -32.99
N GLU A 449 -35.89 -11.18 -33.75
CA GLU A 449 -36.63 -12.42 -33.91
C GLU A 449 -36.59 -13.27 -32.65
N MET A 450 -35.51 -13.15 -31.86
CA MET A 450 -35.39 -13.92 -30.62
C MET A 450 -36.13 -13.26 -29.47
N LEU A 451 -36.16 -11.93 -29.43
CA LEU A 451 -36.73 -11.19 -28.31
C LEU A 451 -38.19 -10.80 -28.52
N GLY A 452 -38.76 -11.02 -29.70
CA GLY A 452 -40.11 -10.56 -29.96
C GLY A 452 -40.27 -9.05 -30.00
N PHE A 453 -39.17 -8.30 -30.06
CA PHE A 453 -39.19 -6.86 -30.07
C PHE A 453 -37.81 -6.39 -30.52
N SER A 454 -37.78 -5.22 -31.18
CA SER A 454 -36.56 -4.60 -31.69
C SER A 454 -36.31 -3.23 -31.03
N PRO A 455 -35.07 -3.03 -30.56
CA PRO A 455 -34.50 -1.87 -29.88
C PRO A 455 -33.85 -0.92 -30.87
N GLY A 456 -34.08 -1.18 -32.15
CA GLY A 456 -33.51 -0.39 -33.23
C GLY A 456 -33.92 1.07 -33.27
N TRP A 457 -33.01 1.88 -33.81
CA TRP A 457 -33.05 3.34 -34.03
C TRP A 457 -32.65 4.16 -32.81
N PHE A 458 -32.36 3.48 -31.71
CA PHE A 458 -31.88 4.15 -30.51
C PHE A 458 -30.50 3.59 -30.23
N TRP A 459 -30.46 2.28 -30.00
CA TRP A 459 -29.21 1.56 -29.77
C TRP A 459 -28.36 1.58 -31.04
N ARG A 460 -29.02 1.45 -32.18
CA ARG A 460 -28.34 1.44 -33.48
C ARG A 460 -27.61 2.76 -33.71
N ILE A 461 -28.25 3.86 -33.34
CA ILE A 461 -27.62 5.16 -33.51
C ILE A 461 -26.35 5.14 -32.66
N CYS A 462 -26.47 4.54 -31.48
CA CYS A 462 -25.32 4.42 -30.58
C CYS A 462 -24.31 3.40 -31.10
N TRP A 463 -24.77 2.38 -31.81
CA TRP A 463 -23.88 1.29 -32.20
C TRP A 463 -22.94 1.66 -33.34
N VAL A 464 -23.37 2.51 -34.27
CA VAL A 464 -22.61 2.79 -35.47
C VAL A 464 -21.92 4.16 -35.40
N ALA A 465 -22.37 5.03 -34.50
CA ALA A 465 -21.81 6.37 -34.39
C ALA A 465 -21.14 6.61 -33.04
N ILE A 466 -21.84 6.31 -31.95
CA ILE A 466 -21.31 6.59 -30.63
C ILE A 466 -20.27 5.55 -30.21
N SER A 467 -20.52 4.27 -30.50
CA SER A 467 -19.64 3.19 -30.07
C SER A 467 -18.24 3.23 -30.71
N PRO A 468 -18.07 3.35 -32.05
CA PRO A 468 -16.68 3.43 -32.56
C PRO A 468 -15.96 4.70 -32.16
N LEU A 469 -16.68 5.82 -32.00
CA LEU A 469 -16.04 7.07 -31.60
C LEU A 469 -15.55 6.99 -30.16
N PHE A 470 -16.40 6.54 -29.24
CA PHE A 470 -16.01 6.46 -27.85
C PHE A 470 -15.24 5.18 -27.50
N LEU A 471 -15.00 4.29 -28.47
CA LEU A 471 -13.99 3.26 -28.26
C LEU A 471 -12.65 3.66 -28.87
N LEU A 472 -12.67 4.50 -29.92
CA LEU A 472 -11.43 5.01 -30.46
C LEU A 472 -10.87 6.13 -29.60
N PHE A 473 -11.73 6.78 -28.81
CA PHE A 473 -11.27 7.83 -27.89
C PHE A 473 -10.34 7.25 -26.82
N ILE A 474 -10.66 6.05 -26.33
CA ILE A 474 -9.82 5.43 -25.29
C ILE A 474 -8.50 4.97 -25.89
N ILE A 475 -8.51 4.61 -27.17
CA ILE A 475 -7.27 4.29 -27.88
C ILE A 475 -6.41 5.53 -28.05
N ALA A 476 -7.02 6.65 -28.47
CA ALA A 476 -6.27 7.87 -28.73
C ALA A 476 -5.80 8.53 -27.44
N SER A 477 -6.45 8.20 -26.32
CA SER A 477 -6.03 8.75 -25.03
C SER A 477 -4.71 8.13 -24.56
N PHE A 478 -4.41 6.91 -25.02
CA PHE A 478 -3.28 6.18 -24.46
C PHE A 478 -1.99 6.48 -25.20
N LEU A 479 -2.09 6.94 -26.46
CA LEU A 479 -0.89 7.17 -27.24
C LEU A 479 -0.25 8.52 -26.92
N MET A 480 -0.97 9.36 -26.17
CA MET A 480 -0.48 10.72 -25.94
C MET A 480 0.58 10.76 -24.85
N SER A 481 0.31 10.16 -23.69
CA SER A 481 1.20 10.27 -22.54
C SER A 481 1.62 8.89 -22.04
N PRO A 482 2.92 8.64 -21.91
CA PRO A 482 3.37 7.37 -21.36
C PRO A 482 3.26 7.35 -19.85
N PRO A 483 2.60 6.34 -19.28
CA PRO A 483 2.45 6.28 -17.82
C PRO A 483 3.70 5.77 -17.10
N GLN A 484 4.66 6.67 -16.86
CA GLN A 484 5.85 6.32 -16.11
C GLN A 484 5.49 6.13 -14.64
N LEU A 485 5.38 4.88 -14.21
CA LEU A 485 4.80 4.58 -12.91
C LEU A 485 5.89 4.19 -11.90
N ARG A 486 5.46 3.86 -10.69
CA ARG A 486 6.39 3.57 -9.61
C ARG A 486 5.81 2.50 -8.70
N LEU A 487 6.67 1.96 -7.84
CA LEU A 487 6.26 1.01 -6.81
C LEU A 487 7.23 1.12 -5.65
N PHE A 488 6.81 1.79 -4.57
CA PHE A 488 7.49 1.82 -3.26
C PHE A 488 8.91 2.37 -3.38
N GLN A 489 8.96 3.68 -3.70
CA GLN A 489 10.17 4.49 -3.97
C GLN A 489 11.15 3.80 -4.93
N TYR A 490 10.60 3.09 -5.93
CA TYR A 490 11.41 2.44 -6.96
C TYR A 490 10.79 2.72 -8.31
N ASN A 491 11.42 3.59 -9.09
CA ASN A 491 10.96 3.90 -10.44
C ASN A 491 11.41 2.81 -11.39
N TYR A 492 10.49 2.35 -12.25
CA TYR A 492 10.81 1.32 -13.21
C TYR A 492 11.69 1.89 -14.32
N PRO A 493 12.63 1.10 -14.84
CA PRO A 493 13.56 1.58 -15.87
C PRO A 493 12.88 1.71 -17.23
N TYR A 494 13.49 1.94 -18.26
CA TYR A 494 12.87 2.16 -19.56
C TYR A 494 12.60 0.85 -20.28
N TRP A 495 13.57 -0.08 -20.24
CA TRP A 495 13.45 -1.31 -21.01
C TRP A 495 12.28 -2.16 -20.55
N SER A 496 11.93 -2.10 -19.26
CA SER A 496 10.80 -2.87 -18.76
C SER A 496 9.47 -2.27 -19.19
N ILE A 497 9.39 -0.93 -19.23
CA ILE A 497 8.16 -0.29 -19.68
C ILE A 497 7.89 -0.62 -21.14
N ILE A 498 8.95 -0.75 -21.94
CA ILE A 498 8.79 -1.16 -23.33
C ILE A 498 8.45 -2.65 -23.41
N LEU A 499 8.95 -3.45 -22.45
CA LEU A 499 8.62 -4.86 -22.40
C LEU A 499 7.13 -5.06 -22.13
N GLY A 500 6.60 -4.34 -21.14
CA GLY A 500 5.17 -4.38 -20.90
C GLY A 500 4.37 -3.92 -22.09
N TYR A 501 4.85 -2.90 -22.78
CA TYR A 501 4.21 -2.46 -24.03
C TYR A 501 4.33 -3.54 -25.10
N ALA A 502 5.46 -4.25 -25.13
CA ALA A 502 5.64 -5.31 -26.11
C ALA A 502 4.73 -6.50 -25.81
N ILE A 503 4.59 -6.86 -24.54
CA ILE A 503 3.70 -7.95 -24.17
C ILE A 503 2.26 -7.57 -24.47
N GLY A 504 1.86 -6.36 -24.09
CA GLY A 504 0.53 -5.89 -24.42
C GLY A 504 0.32 -5.72 -25.92
N THR A 505 1.37 -5.31 -26.63
CA THR A 505 1.27 -5.16 -28.08
C THR A 505 1.13 -6.52 -28.76
N SER A 506 1.96 -7.49 -28.35
CA SER A 506 1.92 -8.82 -28.96
C SER A 506 0.71 -9.63 -28.51
N SER A 507 0.02 -9.21 -27.44
CA SER A 507 -1.12 -9.97 -26.93
C SER A 507 -2.27 -10.04 -27.94
N PHE A 508 -2.41 -9.04 -28.81
CA PHE A 508 -3.45 -9.02 -29.83
C PHE A 508 -2.90 -9.16 -31.24
N ILE A 509 -1.70 -9.71 -31.41
CA ILE A 509 -1.13 -9.93 -32.73
C ILE A 509 -1.84 -11.05 -33.50
N CYS A 510 -2.75 -11.77 -32.85
CA CYS A 510 -3.45 -12.85 -33.52
C CYS A 510 -4.31 -12.34 -34.67
N ILE A 511 -4.99 -11.19 -34.50
CA ILE A 511 -5.96 -10.76 -35.49
C ILE A 511 -5.31 -10.18 -36.75
N PRO A 512 -4.14 -9.52 -36.70
CA PRO A 512 -3.41 -9.31 -37.97
C PRO A 512 -2.75 -10.58 -38.49
N THR A 513 -2.32 -11.48 -37.60
CA THR A 513 -1.65 -12.70 -38.03
C THR A 513 -2.62 -13.61 -38.77
N TYR A 514 -3.83 -13.78 -38.21
CA TYR A 514 -4.81 -14.66 -38.85
C TYR A 514 -5.27 -14.11 -40.19
N ILE A 515 -5.53 -12.79 -40.25
CA ILE A 515 -5.96 -12.17 -41.50
C ILE A 515 -4.87 -12.31 -42.56
N ALA A 516 -3.61 -12.12 -42.16
CA ALA A 516 -2.50 -12.32 -43.08
C ALA A 516 -2.38 -13.79 -43.49
N TYR A 517 -2.73 -14.71 -42.58
CA TYR A 517 -2.62 -16.12 -42.89
C TYR A 517 -3.65 -16.55 -43.92
N ARG A 518 -4.91 -16.15 -43.73
CA ARG A 518 -5.97 -16.58 -44.62
C ARG A 518 -5.83 -15.96 -46.01
N LEU A 519 -5.39 -14.70 -46.08
CA LEU A 519 -5.28 -14.03 -47.37
C LEU A 519 -4.13 -14.58 -48.20
N ILE A 520 -3.22 -15.35 -47.60
CA ILE A 520 -2.13 -15.96 -48.35
C ILE A 520 -2.56 -17.32 -48.89
N ILE A 521 -3.22 -18.13 -48.05
CA ILE A 521 -3.65 -19.46 -48.48
C ILE A 521 -4.92 -19.39 -49.33
N THR A 522 -5.69 -18.32 -49.22
CA THR A 522 -6.93 -18.23 -49.97
C THR A 522 -6.62 -18.10 -51.47
N PRO A 523 -7.26 -18.87 -52.35
CA PRO A 523 -7.03 -18.68 -53.79
C PRO A 523 -7.81 -17.49 -54.33
N GLY A 524 -7.41 -17.09 -55.54
CA GLY A 524 -8.02 -15.98 -56.24
C GLY A 524 -7.07 -14.79 -56.36
N THR A 525 -7.64 -13.67 -56.79
CA THR A 525 -6.90 -12.42 -56.92
C THR A 525 -7.08 -11.57 -55.66
N PHE A 526 -6.47 -10.38 -55.66
CA PHE A 526 -6.42 -9.54 -54.47
C PHE A 526 -7.82 -9.17 -53.99
N LYS A 527 -8.70 -8.84 -54.93
CA LYS A 527 -10.08 -8.50 -54.56
C LYS A 527 -10.85 -9.75 -54.14
N GLU A 528 -10.68 -10.85 -54.88
CA GLU A 528 -11.45 -12.05 -54.59
C GLU A 528 -11.02 -12.70 -53.28
N ARG A 529 -9.72 -12.69 -52.98
CA ARG A 529 -9.24 -13.27 -51.74
C ARG A 529 -9.79 -12.53 -50.52
N ILE A 530 -10.08 -11.24 -50.67
CA ILE A 530 -10.60 -10.46 -49.55
C ILE A 530 -12.10 -10.68 -49.37
N ILE A 531 -12.82 -10.87 -50.48
CA ILE A 531 -14.26 -11.07 -50.40
C ILE A 531 -14.58 -12.42 -49.78
N LYS A 532 -13.79 -13.45 -50.11
CA LYS A 532 -14.03 -14.77 -49.55
C LYS A 532 -13.87 -14.79 -48.04
N SER A 533 -12.92 -13.99 -47.52
CA SER A 533 -12.72 -13.93 -46.08
C SER A 533 -13.80 -13.11 -45.38
N ILE A 534 -14.38 -12.14 -46.08
CA ILE A 534 -15.40 -11.27 -45.48
C ILE A 534 -16.80 -11.87 -45.61
N THR A 535 -17.02 -12.73 -46.62
CA THR A 535 -18.34 -13.29 -46.94
C THR A 535 -18.95 -14.01 -45.74
N PRO A 536 -20.02 -13.50 -45.12
CA PRO A 536 -20.61 -14.21 -43.98
C PRO A 536 -21.15 -15.58 -44.38
N GLU A 537 -21.29 -16.44 -43.37
CA GLU A 537 -21.81 -17.79 -43.55
C GLU A 537 -20.97 -18.60 -44.55
N GLN B 1 22.41 9.97 24.37
CA GLN B 1 22.91 8.61 24.26
C GLN B 1 21.94 7.63 24.91
N VAL B 2 21.90 6.41 24.38
CA VAL B 2 21.02 5.35 24.89
C VAL B 2 21.71 4.65 26.04
N GLN B 3 20.92 4.26 27.03
CA GLN B 3 21.44 3.51 28.17
C GLN B 3 20.30 2.76 28.83
N LEU B 4 20.63 1.65 29.47
CA LEU B 4 19.69 0.84 30.24
C LEU B 4 20.19 0.76 31.67
N GLN B 5 19.39 1.27 32.60
CA GLN B 5 19.77 1.36 34.02
C GLN B 5 18.87 0.44 34.84
N GLN B 6 19.48 -0.51 35.54
CA GLN B 6 18.78 -1.44 36.39
C GLN B 6 18.77 -0.93 37.83
N SER B 7 18.11 -1.68 38.71
CA SER B 7 18.15 -1.43 40.14
C SER B 7 19.41 -2.08 40.72
N GLY B 8 19.53 -2.03 42.05
CA GLY B 8 20.66 -2.61 42.73
C GLY B 8 20.47 -4.08 43.03
N PRO B 9 21.48 -4.73 43.58
CA PRO B 9 21.36 -6.15 43.92
C PRO B 9 20.44 -6.36 45.12
N GLU B 10 20.16 -7.63 45.40
CA GLU B 10 19.27 -8.01 46.49
C GLU B 10 19.51 -9.45 46.87
N LEU B 11 19.61 -9.70 48.18
CA LEU B 11 19.76 -11.06 48.68
C LEU B 11 18.39 -11.75 48.71
N VAL B 12 18.41 -13.07 48.52
CA VAL B 12 17.20 -13.87 48.35
C VAL B 12 17.12 -14.89 49.48
N LYS B 13 15.94 -15.00 50.08
CA LYS B 13 15.60 -16.11 50.95
C LYS B 13 14.92 -17.19 50.13
N LEU B 14 15.06 -18.43 50.58
CA LEU B 14 14.48 -19.57 49.85
C LEU B 14 12.97 -19.45 49.81
N GLY B 15 12.42 -19.30 48.62
CA GLY B 15 11.00 -19.09 48.42
C GLY B 15 10.57 -17.64 48.40
N ALA B 16 11.50 -16.70 48.30
CA ALA B 16 11.19 -15.27 48.31
C ALA B 16 10.93 -14.80 46.89
N SER B 17 10.85 -13.48 46.70
CA SER B 17 10.59 -12.88 45.41
C SER B 17 11.36 -11.57 45.30
N VAL B 18 11.74 -11.23 44.06
CA VAL B 18 12.47 -10.00 43.76
C VAL B 18 11.75 -9.26 42.65
N ARG B 19 12.22 -8.04 42.39
CA ARG B 19 11.57 -7.15 41.42
C ARG B 19 12.66 -6.30 40.77
N ILE B 20 13.16 -6.73 39.62
CA ILE B 20 14.20 -6.01 38.90
C ILE B 20 13.54 -4.98 38.00
N SER B 21 14.15 -3.79 37.94
CA SER B 21 13.72 -2.72 37.05
C SER B 21 14.72 -2.55 35.92
N CYS B 22 14.27 -1.88 34.86
CA CYS B 22 15.14 -1.57 33.72
C CYS B 22 14.52 -0.39 32.98
N LYS B 23 15.13 0.79 33.11
CA LYS B 23 14.61 2.01 32.50
C LYS B 23 15.23 2.21 31.13
N ALA B 24 14.38 2.42 30.12
CA ALA B 24 14.83 2.74 28.78
C ALA B 24 14.85 4.26 28.59
N SER B 25 15.78 4.71 27.74
CA SER B 25 15.93 6.13 27.49
C SER B 25 16.74 6.34 26.22
N GLY B 26 16.34 7.33 25.43
CA GLY B 26 17.07 7.71 24.23
C GLY B 26 16.64 7.03 22.96
N TYR B 27 15.46 6.41 22.94
CA TYR B 27 14.98 5.72 21.74
C TYR B 27 13.52 5.38 21.94
N ARG B 28 12.92 4.81 20.89
CA ARG B 28 11.50 4.45 20.90
C ARG B 28 11.34 3.06 21.54
N PHE B 29 11.42 3.06 22.87
CA PHE B 29 11.28 1.81 23.64
C PHE B 29 9.93 1.16 23.41
N SER B 30 8.88 1.95 23.14
CA SER B 30 7.55 1.41 22.92
C SER B 30 7.40 0.66 21.60
N TYR B 31 8.44 0.63 20.76
CA TYR B 31 8.41 -0.08 19.48
C TYR B 31 9.56 -1.08 19.36
N SER B 32 9.97 -1.68 20.48
CA SER B 32 11.00 -2.71 20.49
C SER B 32 10.67 -3.72 21.58
N TRP B 33 11.40 -4.83 21.59
CA TRP B 33 11.23 -5.90 22.57
C TRP B 33 12.28 -5.77 23.66
N MET B 34 11.84 -5.84 24.92
CA MET B 34 12.73 -5.75 26.07
C MET B 34 13.03 -7.16 26.57
N ASN B 35 14.30 -7.55 26.51
CA ASN B 35 14.73 -8.93 26.76
C ASN B 35 15.20 -9.09 28.20
N TRP B 36 15.35 -10.35 28.60
CA TRP B 36 15.87 -10.72 29.91
C TRP B 36 16.60 -12.05 29.79
N VAL B 37 17.82 -12.12 30.35
CA VAL B 37 18.70 -13.27 30.18
C VAL B 37 19.41 -13.55 31.49
N LYS B 38 19.70 -14.82 31.75
CA LYS B 38 20.50 -15.25 32.89
C LYS B 38 21.96 -15.43 32.46
N GLN B 39 22.87 -15.18 33.41
CA GLN B 39 24.29 -15.45 33.26
C GLN B 39 24.74 -16.21 34.51
N ARG B 40 24.63 -17.53 34.47
CA ARG B 40 25.00 -18.36 35.62
C ARG B 40 26.52 -18.50 35.67
N PRO B 41 27.15 -18.39 36.85
CA PRO B 41 28.62 -18.52 36.89
C PRO B 41 29.07 -19.93 36.52
N GLY B 42 29.78 -20.01 35.39
CA GLY B 42 30.33 -21.26 34.91
C GLY B 42 29.64 -21.85 33.70
N LYS B 43 28.43 -21.40 33.38
CA LYS B 43 27.69 -21.84 32.21
C LYS B 43 27.58 -20.68 31.22
N GLY B 44 26.91 -20.94 30.10
CA GLY B 44 26.65 -19.91 29.10
C GLY B 44 25.50 -19.02 29.51
N LEU B 45 24.72 -18.60 28.51
CA LEU B 45 23.56 -17.75 28.74
C LEU B 45 22.31 -18.62 28.73
N GLU B 46 21.24 -18.10 29.32
CA GLU B 46 19.94 -18.76 29.30
C GLU B 46 18.86 -17.70 29.23
N TRP B 47 18.15 -17.65 28.10
CA TRP B 47 17.09 -16.67 27.90
C TRP B 47 15.93 -16.94 28.85
N ILE B 48 15.35 -15.86 29.38
CA ILE B 48 14.25 -15.93 30.35
C ILE B 48 12.92 -15.55 29.70
N GLY B 49 12.81 -14.32 29.22
CA GLY B 49 11.55 -13.85 28.67
C GLY B 49 11.76 -12.65 27.78
N ARG B 50 10.64 -12.03 27.40
CA ARG B 50 10.64 -10.94 26.44
C ARG B 50 9.26 -10.30 26.43
N ILE B 51 9.21 -8.99 26.21
CA ILE B 51 7.95 -8.24 26.25
C ILE B 51 8.04 -7.01 25.35
N TYR B 52 6.90 -6.63 24.79
CA TYR B 52 6.76 -5.45 23.93
C TYR B 52 6.00 -4.37 24.69
N PRO B 53 6.66 -3.31 25.17
CA PRO B 53 5.91 -2.24 25.83
C PRO B 53 4.93 -1.57 24.87
N GLY B 54 3.69 -1.44 25.33
CA GLY B 54 2.60 -0.89 24.53
C GLY B 54 1.47 -1.88 24.36
N ASP B 55 1.81 -3.15 24.23
CA ASP B 55 0.83 -4.23 24.06
C ASP B 55 0.76 -5.16 25.27
N GLY B 56 1.90 -5.47 25.89
CA GLY B 56 1.94 -6.34 27.04
C GLY B 56 2.11 -7.82 26.73
N ASP B 57 2.18 -8.20 25.46
CA ASP B 57 2.36 -9.60 25.11
C ASP B 57 3.74 -10.08 25.54
N THR B 58 3.80 -11.32 26.04
CA THR B 58 5.02 -11.92 26.54
C THR B 58 5.19 -13.31 25.93
N LYS B 59 6.45 -13.73 25.82
CA LYS B 59 6.80 -15.04 25.29
C LYS B 59 7.91 -15.63 26.15
N TYR B 60 7.71 -16.87 26.61
CA TYR B 60 8.62 -17.55 27.51
C TYR B 60 9.00 -18.91 26.95
N SER B 61 10.09 -19.45 27.47
CA SER B 61 10.57 -20.78 27.13
C SER B 61 11.55 -21.21 28.21
N GLY B 62 12.14 -22.39 28.04
CA GLY B 62 13.15 -22.86 28.98
C GLY B 62 12.65 -23.03 30.40
N LYS B 63 11.39 -23.46 30.57
CA LYS B 63 10.77 -23.74 31.87
C LYS B 63 10.63 -22.50 32.75
N PHE B 64 10.85 -21.30 32.23
CA PHE B 64 10.66 -20.09 33.02
C PHE B 64 9.22 -19.65 33.12
N LYS B 65 8.29 -20.30 32.40
CA LYS B 65 6.88 -19.92 32.48
C LYS B 65 6.30 -20.17 33.86
N GLY B 66 6.76 -21.19 34.57
CA GLY B 66 6.31 -21.48 35.91
C GLY B 66 7.05 -20.77 37.02
N LYS B 67 7.90 -19.81 36.69
CA LYS B 67 8.71 -19.08 37.67
C LYS B 67 8.71 -17.57 37.50
N ALA B 68 8.31 -17.04 36.33
CA ALA B 68 8.53 -15.64 35.99
C ALA B 68 7.24 -15.00 35.50
N THR B 69 7.08 -13.73 35.82
CA THR B 69 6.05 -12.86 35.27
C THR B 69 6.68 -11.53 34.90
N LEU B 70 6.28 -11.00 33.76
CA LEU B 70 6.91 -9.82 33.17
C LEU B 70 5.85 -8.83 32.72
N THR B 71 6.09 -7.55 32.99
CA THR B 71 5.16 -6.47 32.65
C THR B 71 5.96 -5.27 32.20
N ALA B 72 5.25 -4.23 31.75
CA ALA B 72 5.89 -3.01 31.27
C ALA B 72 4.89 -1.87 31.39
N ASP B 73 5.43 -0.64 31.41
CA ASP B 73 4.62 0.57 31.50
C ASP B 73 5.20 1.58 30.52
N LYS B 74 4.42 1.94 29.50
CA LYS B 74 4.91 2.87 28.49
C LYS B 74 5.02 4.30 29.00
N SER B 75 4.24 4.66 30.03
CA SER B 75 4.25 6.02 30.55
C SER B 75 5.47 6.33 31.41
N SER B 76 6.14 5.30 31.95
CA SER B 76 7.30 5.49 32.81
C SER B 76 8.62 5.13 32.15
N SER B 77 8.60 4.55 30.94
CA SER B 77 9.82 4.18 30.21
C SER B 77 10.62 3.13 31.01
N THR B 78 9.92 2.12 31.51
CA THR B 78 10.53 1.07 32.29
C THR B 78 9.89 -0.27 31.95
N VAL B 79 10.61 -1.34 32.26
CA VAL B 79 10.14 -2.72 32.13
C VAL B 79 10.55 -3.47 33.39
N TYR B 80 9.59 -4.16 34.01
CA TYR B 80 9.77 -4.78 35.32
C TYR B 80 9.59 -6.28 35.21
N MET B 81 10.66 -7.03 35.46
CA MET B 81 10.62 -8.49 35.51
C MET B 81 10.44 -8.92 36.95
N GLN B 82 9.36 -9.65 37.21
CA GLN B 82 9.05 -10.17 38.54
C GLN B 82 9.31 -11.67 38.57
N LEU B 83 9.84 -12.16 39.69
CA LEU B 83 10.21 -13.55 39.87
C LEU B 83 9.77 -14.01 41.25
N SER B 84 9.21 -15.23 41.31
CA SER B 84 8.76 -15.82 42.57
C SER B 84 9.28 -17.25 42.65
N SER B 85 9.20 -17.80 43.87
CA SER B 85 9.65 -19.17 44.15
C SER B 85 11.11 -19.36 43.77
N LEU B 86 11.96 -18.47 44.28
CA LEU B 86 13.39 -18.51 44.00
C LEU B 86 14.06 -19.58 44.87
N THR B 87 15.18 -20.10 44.36
CA THR B 87 15.97 -21.10 45.07
C THR B 87 17.43 -20.95 44.66
N SER B 88 18.26 -21.88 45.14
CA SER B 88 19.70 -21.80 44.88
C SER B 88 20.02 -21.91 43.39
N GLU B 89 19.22 -22.65 42.64
CA GLU B 89 19.43 -22.78 41.20
C GLU B 89 19.29 -21.44 40.48
N ASP B 90 18.50 -20.51 41.02
CA ASP B 90 18.33 -19.19 40.44
C ASP B 90 19.45 -18.22 40.83
N SER B 91 20.50 -18.69 41.50
CA SER B 91 21.61 -17.84 41.89
C SER B 91 22.41 -17.47 40.67
N ALA B 92 22.20 -16.26 40.14
CA ALA B 92 22.89 -15.80 38.95
C ALA B 92 22.56 -14.33 38.76
N VAL B 93 23.29 -13.68 37.84
CA VAL B 93 23.07 -12.30 37.47
C VAL B 93 22.15 -12.26 36.26
N TYR B 94 21.27 -11.26 36.21
CA TYR B 94 20.26 -11.13 35.17
C TYR B 94 20.48 -9.82 34.44
N PHE B 95 20.48 -9.88 33.11
CA PHE B 95 20.75 -8.74 32.24
C PHE B 95 19.47 -8.25 31.57
N CYS B 96 19.47 -6.96 31.23
CA CYS B 96 18.40 -6.32 30.47
C CYS B 96 18.97 -5.85 29.15
N ALA B 97 18.23 -6.08 28.05
CA ALA B 97 18.73 -5.84 26.71
C ALA B 97 17.66 -5.19 25.86
N ARG B 98 18.10 -4.37 24.91
CA ARG B 98 17.25 -3.76 23.90
C ARG B 98 17.36 -4.56 22.62
N SER B 99 16.24 -5.11 22.17
CA SER B 99 16.21 -5.85 20.92
C SER B 99 16.29 -4.89 19.74
N ALA B 100 17.24 -5.16 18.83
CA ALA B 100 17.33 -4.39 17.61
C ALA B 100 16.08 -4.60 16.76
N TYR B 101 15.92 -3.77 15.73
CA TYR B 101 14.76 -3.88 14.88
C TYR B 101 14.90 -5.08 13.94
N GLY B 102 13.76 -5.63 13.54
CA GLY B 102 13.75 -6.97 12.96
C GLY B 102 14.46 -7.09 11.63
N SER B 103 14.65 -5.97 10.92
CA SER B 103 15.38 -6.02 9.66
C SER B 103 16.83 -6.41 9.83
N GLU B 104 17.39 -6.26 11.04
CA GLU B 104 18.78 -6.61 11.32
C GLU B 104 18.91 -7.89 12.14
N GLY B 105 17.82 -8.61 12.38
CA GLY B 105 17.89 -9.89 13.07
C GLY B 105 17.72 -9.84 14.56
N PHE B 106 17.22 -8.72 15.10
CA PHE B 106 16.95 -8.58 16.55
C PHE B 106 18.21 -8.84 17.37
N ALA B 107 19.34 -8.35 16.90
CA ALA B 107 20.57 -8.44 17.66
C ALA B 107 20.54 -7.46 18.82
N MET B 108 20.66 -7.97 20.05
CA MET B 108 20.52 -7.15 21.23
C MET B 108 21.63 -6.10 21.28
N ASP B 109 21.26 -4.84 21.06
CA ASP B 109 22.26 -3.81 20.83
C ASP B 109 22.99 -3.41 22.10
N TYR B 110 22.26 -2.84 23.07
CA TYR B 110 22.85 -2.29 24.28
C TYR B 110 22.30 -3.02 25.50
N TRP B 111 23.02 -2.89 26.61
CA TRP B 111 22.83 -3.72 27.78
C TRP B 111 22.87 -2.87 29.05
N GLY B 112 22.31 -3.45 30.13
CA GLY B 112 22.42 -2.86 31.45
C GLY B 112 23.64 -3.40 32.20
N GLN B 113 23.82 -2.88 33.40
CA GLN B 113 24.95 -3.29 34.23
C GLN B 113 24.78 -4.67 34.84
N GLY B 114 23.57 -5.21 34.85
CA GLY B 114 23.32 -6.51 35.47
C GLY B 114 23.15 -6.41 36.97
N THR B 115 22.27 -7.23 37.53
CA THR B 115 21.97 -7.23 38.96
C THR B 115 22.00 -8.67 39.47
N SER B 116 22.62 -8.86 40.63
CA SER B 116 22.81 -10.18 41.21
C SER B 116 21.58 -10.56 42.04
N VAL B 117 21.01 -11.72 41.73
CA VAL B 117 19.88 -12.29 42.47
C VAL B 117 20.38 -13.59 43.06
N THR B 118 20.76 -13.55 44.34
CA THR B 118 21.31 -14.71 45.03
C THR B 118 20.74 -14.82 46.44
N ASP C 1 11.27 -25.97 19.73
CA ASP C 1 12.25 -24.91 19.98
C ASP C 1 13.53 -25.19 19.20
N ILE C 2 14.21 -24.12 18.80
CA ILE C 2 15.43 -24.24 18.02
C ILE C 2 16.61 -24.43 18.97
N VAL C 3 17.36 -25.52 18.79
CA VAL C 3 18.51 -25.85 19.62
C VAL C 3 19.77 -25.49 18.86
N LEU C 4 20.64 -24.71 19.49
CA LEU C 4 21.90 -24.27 18.91
C LEU C 4 23.05 -25.00 19.57
N THR C 5 24.09 -25.31 18.78
CA THR C 5 25.28 -25.99 19.27
C THR C 5 26.51 -25.33 18.66
N GLN C 6 27.66 -25.55 19.30
CA GLN C 6 28.91 -24.96 18.89
C GLN C 6 30.05 -25.97 19.06
N SER C 7 31.12 -25.74 18.29
CA SER C 7 32.32 -26.57 18.36
C SER C 7 33.43 -25.90 17.58
N PRO C 8 34.71 -26.02 17.99
CA PRO C 8 35.27 -26.64 19.20
C PRO C 8 34.94 -25.87 20.47
N ALA C 9 34.81 -26.57 21.59
CA ALA C 9 34.44 -25.92 22.86
C ALA C 9 35.49 -24.91 23.30
N SER C 10 36.76 -25.16 22.97
CA SER C 10 37.85 -24.25 23.31
C SER C 10 38.85 -24.23 22.18
N LEU C 11 39.04 -23.07 21.57
CA LEU C 11 39.91 -22.90 20.42
C LEU C 11 41.26 -22.36 20.89
N ALA C 12 42.33 -23.09 20.58
CA ALA C 12 43.69 -22.66 20.91
C ALA C 12 44.20 -21.77 19.80
N VAL C 13 43.75 -20.51 19.84
CA VAL C 13 44.08 -19.53 18.80
C VAL C 13 45.39 -18.87 19.23
N SER C 14 46.48 -19.29 18.59
CA SER C 14 47.77 -18.65 18.84
C SER C 14 47.73 -17.21 18.33
N LEU C 15 48.58 -16.37 18.91
CA LEU C 15 48.61 -14.95 18.54
C LEU C 15 49.05 -14.80 17.09
N GLY C 16 48.18 -14.20 16.28
CA GLY C 16 48.46 -13.95 14.88
C GLY C 16 47.91 -14.98 13.93
N GLN C 17 46.98 -15.84 14.37
CA GLN C 17 46.39 -16.90 13.56
C GLN C 17 44.90 -16.66 13.40
N ARG C 18 44.35 -17.22 12.31
CA ARG C 18 42.93 -17.09 12.02
C ARG C 18 42.13 -18.04 12.91
N ALA C 19 40.88 -17.66 13.18
CA ALA C 19 39.98 -18.44 14.02
C ALA C 19 38.59 -18.44 13.40
N THR C 20 37.90 -19.57 13.54
CA THR C 20 36.55 -19.74 13.02
C THR C 20 35.72 -20.50 14.04
N ILE C 21 34.52 -19.98 14.31
CA ILE C 21 33.62 -20.53 15.32
C ILE C 21 32.29 -20.82 14.65
N SER C 22 31.86 -22.08 14.69
CA SER C 22 30.67 -22.53 14.00
C SER C 22 29.44 -22.46 14.90
N CYS C 23 28.27 -22.41 14.28
CA CYS C 23 26.99 -22.43 14.97
C CYS C 23 26.04 -23.33 14.20
N ARG C 24 25.92 -24.57 14.65
CA ARG C 24 25.02 -25.54 14.05
C ARG C 24 23.64 -25.46 14.72
N ALA C 25 22.62 -25.89 13.98
CA ALA C 25 21.24 -25.78 14.44
C ALA C 25 20.40 -26.84 13.77
N SER C 26 19.24 -27.11 14.38
CA SER C 26 18.28 -28.05 13.79
C SER C 26 17.57 -27.43 12.60
N GLU C 27 17.17 -26.18 12.70
CA GLU C 27 16.55 -25.41 11.62
C GLU C 27 17.67 -24.62 10.92
N SER C 28 17.54 -24.32 9.61
CA SER C 28 16.37 -23.91 8.80
C SER C 28 15.87 -22.57 9.35
N VAL C 29 16.83 -21.73 9.75
CA VAL C 29 16.52 -20.43 10.34
C VAL C 29 16.30 -19.34 9.30
N ASP C 30 16.70 -19.57 8.05
CA ASP C 30 16.57 -18.55 7.01
C ASP C 30 15.09 -18.27 6.77
N ASN C 31 14.63 -17.10 7.22
CA ASN C 31 13.24 -16.69 7.08
C ASN C 31 13.21 -15.26 6.57
N TYR C 32 12.46 -15.03 5.49
CA TYR C 32 12.35 -13.71 4.86
C TYR C 32 13.72 -13.19 4.44
N GLY C 33 14.59 -14.08 3.99
CA GLY C 33 15.89 -13.69 3.48
C GLY C 33 16.87 -13.13 4.49
N ILE C 34 16.48 -13.00 5.76
CA ILE C 34 17.33 -12.43 6.81
C ILE C 34 17.76 -13.58 7.71
N SER C 35 19.07 -13.73 7.90
CA SER C 35 19.63 -14.79 8.72
C SER C 35 19.39 -14.45 10.18
N PHE C 36 18.50 -15.20 10.83
CA PHE C 36 18.19 -14.99 12.25
C PHE C 36 19.17 -15.77 13.13
N LEU C 37 20.46 -15.39 13.02
CA LEU C 37 21.49 -15.84 13.92
C LEU C 37 22.48 -14.71 14.12
N ASN C 38 22.87 -14.46 15.37
CA ASN C 38 23.71 -13.33 15.73
C ASN C 38 24.83 -13.79 16.66
N TRP C 39 25.77 -12.87 16.93
CA TRP C 39 26.95 -13.14 17.72
C TRP C 39 27.17 -12.03 18.75
N PHE C 40 27.56 -12.43 19.96
CA PHE C 40 27.83 -11.50 21.06
C PHE C 40 29.24 -11.74 21.60
N GLN C 41 29.64 -10.87 22.53
CA GLN C 41 30.98 -10.90 23.10
C GLN C 41 30.88 -10.63 24.60
N GLN C 42 31.39 -11.56 25.40
CA GLN C 42 31.48 -11.42 26.85
C GLN C 42 32.94 -11.42 27.29
N LYS C 43 33.26 -10.54 28.22
CA LYS C 43 34.49 -10.56 28.98
C LYS C 43 34.14 -10.64 30.47
N PRO C 44 35.09 -10.98 31.33
CA PRO C 44 34.76 -11.06 32.77
C PRO C 44 34.33 -9.72 33.32
N GLY C 45 33.07 -9.64 33.75
CA GLY C 45 32.52 -8.44 34.33
C GLY C 45 32.01 -7.40 33.35
N GLN C 46 31.99 -7.71 32.05
CA GLN C 46 31.56 -6.80 31.00
C GLN C 46 30.24 -7.27 30.41
N PRO C 47 29.46 -6.37 29.78
CA PRO C 47 28.16 -6.78 29.25
C PRO C 47 28.33 -7.60 27.97
N PRO C 48 27.29 -8.33 27.54
CA PRO C 48 27.39 -9.07 26.27
C PRO C 48 27.35 -8.16 25.05
N LYS C 49 28.50 -7.60 24.68
CA LYS C 49 28.56 -6.65 23.57
C LYS C 49 28.13 -7.30 22.26
N LEU C 50 27.48 -6.51 21.42
CA LEU C 50 27.07 -6.99 20.10
C LEU C 50 28.27 -7.10 19.17
N LEU C 51 28.26 -8.11 18.30
CA LEU C 51 29.31 -8.31 17.31
C LEU C 51 28.80 -8.20 15.88
N ILE C 52 27.78 -8.97 15.51
CA ILE C 52 27.38 -9.12 14.11
C ILE C 52 25.86 -9.03 14.01
N TYR C 53 25.39 -8.28 13.02
CA TYR C 53 23.97 -8.24 12.66
C TYR C 53 23.69 -9.29 11.59
N ALA C 54 22.75 -10.20 11.87
CA ALA C 54 22.29 -11.19 10.90
C ALA C 54 23.42 -12.09 10.41
N ALA C 55 24.41 -12.34 11.26
CA ALA C 55 25.52 -13.25 11.02
C ALA C 55 26.44 -12.84 9.87
N SER C 56 26.25 -11.66 9.27
CA SER C 56 27.09 -11.20 8.17
C SER C 56 27.52 -9.75 8.25
N ASN C 57 26.81 -8.89 8.97
CA ASN C 57 27.06 -7.45 8.98
C ASN C 57 27.68 -7.03 10.32
N GLN C 58 28.78 -6.29 10.25
CA GLN C 58 29.48 -5.86 11.45
C GLN C 58 28.58 -4.98 12.32
N GLY C 59 28.96 -4.86 13.60
CA GLY C 59 28.15 -4.19 14.59
C GLY C 59 28.65 -2.79 14.91
N SER C 60 27.90 -2.12 15.79
CA SER C 60 28.25 -0.78 16.24
C SER C 60 29.37 -0.86 17.26
N GLY C 61 30.43 -0.09 17.03
CA GLY C 61 31.61 -0.16 17.90
C GLY C 61 32.34 -1.47 17.84
N VAL C 62 32.11 -2.27 16.80
CA VAL C 62 32.74 -3.57 16.64
C VAL C 62 33.93 -3.40 15.70
N PRO C 63 35.12 -3.91 16.02
CA PRO C 63 36.22 -3.81 15.05
C PRO C 63 35.92 -4.58 13.78
N ALA C 64 36.63 -4.20 12.71
CA ALA C 64 36.45 -4.86 11.42
C ALA C 64 37.05 -6.26 11.38
N ARG C 65 37.76 -6.69 12.42
CA ARG C 65 38.35 -8.02 12.44
C ARG C 65 37.30 -9.13 12.46
N PHE C 66 36.09 -8.83 12.93
CA PHE C 66 35.04 -9.82 13.13
C PHE C 66 34.04 -9.76 11.98
N SER C 67 33.69 -10.94 11.45
CA SER C 67 32.72 -11.03 10.37
C SER C 67 32.19 -12.46 10.32
N GLY C 68 31.19 -12.67 9.47
CA GLY C 68 30.59 -13.98 9.33
C GLY C 68 29.90 -14.13 8.00
N SER C 69 29.44 -15.35 7.74
CA SER C 69 28.75 -15.70 6.50
C SER C 69 28.22 -17.12 6.65
N GLY C 70 27.41 -17.53 5.66
CA GLY C 70 26.84 -18.86 5.64
C GLY C 70 25.41 -18.87 5.16
N SER C 71 24.82 -20.07 5.07
CA SER C 71 23.43 -20.20 4.65
C SER C 71 22.90 -21.54 5.15
N GLY C 72 21.65 -21.53 5.62
CA GLY C 72 20.99 -22.75 6.06
C GLY C 72 21.24 -23.09 7.52
N THR C 73 21.75 -24.29 7.77
CA THR C 73 21.91 -24.83 9.11
C THR C 73 23.33 -24.66 9.66
N TYR C 74 24.20 -23.93 8.98
CA TYR C 74 25.63 -23.88 9.35
C TYR C 74 26.19 -22.52 8.97
N PHE C 75 26.56 -21.73 9.97
CA PHE C 75 27.30 -20.49 9.81
C PHE C 75 28.70 -20.66 10.41
N SER C 76 29.50 -19.60 10.30
CA SER C 76 30.85 -19.60 10.87
C SER C 76 31.27 -18.16 11.10
N LEU C 77 31.81 -17.90 12.29
CA LEU C 77 32.27 -16.57 12.67
C LEU C 77 33.73 -16.44 12.25
N ASN C 78 33.95 -16.00 11.01
CA ASN C 78 35.30 -15.85 10.47
C ASN C 78 35.92 -14.59 11.06
N ILE C 79 37.10 -14.74 11.67
CA ILE C 79 37.75 -13.68 12.42
C ILE C 79 39.18 -13.52 11.90
N HIS C 80 39.60 -12.27 11.69
CA HIS C 80 40.95 -11.93 11.27
C HIS C 80 41.95 -12.32 12.35
N PRO C 81 43.29 -12.27 12.08
CA PRO C 81 44.27 -12.66 13.12
C PRO C 81 44.11 -11.91 14.43
N MET C 82 43.80 -12.67 15.49
CA MET C 82 43.38 -12.08 16.75
C MET C 82 44.57 -11.66 17.59
N GLU C 83 44.29 -10.81 18.58
CA GLU C 83 45.24 -10.41 19.60
C GLU C 83 44.78 -10.93 20.96
N GLU C 84 45.61 -10.73 21.98
CA GLU C 84 45.25 -11.15 23.33
C GLU C 84 44.08 -10.35 23.87
N ASP C 85 43.90 -9.11 23.40
CA ASP C 85 42.82 -8.27 23.89
C ASP C 85 41.44 -8.80 23.50
N ASP C 86 41.36 -9.66 22.48
CA ASP C 86 40.10 -10.24 22.05
C ASP C 86 39.69 -11.46 22.85
N THR C 87 40.29 -11.69 24.02
CA THR C 87 39.90 -12.80 24.88
C THR C 87 38.44 -12.64 25.31
N ALA C 88 37.59 -13.53 24.82
CA ALA C 88 36.16 -13.41 25.08
C ALA C 88 35.47 -14.68 24.60
N VAL C 89 34.36 -15.01 25.27
CA VAL C 89 33.51 -16.12 24.89
C VAL C 89 32.43 -15.59 23.96
N TYR C 90 32.21 -16.28 22.84
CA TYR C 90 31.27 -15.87 21.81
C TYR C 90 30.08 -16.82 21.81
N PHE C 91 28.88 -16.25 21.73
CA PHE C 91 27.63 -17.00 21.83
C PHE C 91 26.79 -16.76 20.58
N CYS C 92 26.03 -17.79 20.20
CA CYS C 92 25.19 -17.76 19.00
C CYS C 92 23.73 -17.72 19.44
N GLN C 93 23.05 -16.63 19.10
CA GLN C 93 21.62 -16.46 19.32
C GLN C 93 20.86 -16.91 18.09
N GLN C 94 19.58 -17.24 18.28
CA GLN C 94 18.62 -17.33 17.19
C GLN C 94 17.41 -16.48 17.55
N THR C 95 16.99 -15.63 16.61
CA THR C 95 15.89 -14.69 16.81
C THR C 95 14.68 -15.07 15.96
N LYS C 96 14.54 -16.36 15.64
CA LYS C 96 13.37 -16.91 14.97
C LYS C 96 12.37 -17.46 15.95
N GLY C 97 11.29 -16.72 16.25
CA GLY C 97 10.29 -17.16 17.20
C GLY C 97 9.71 -18.52 16.86
N VAL C 98 8.98 -19.20 17.77
CA VAL C 98 8.41 -18.68 19.02
C VAL C 98 9.43 -18.25 20.09
N SER C 99 10.42 -19.09 20.36
CA SER C 99 11.38 -18.86 21.42
C SER C 99 12.70 -18.39 20.83
N TRP C 100 13.45 -17.63 21.63
CA TRP C 100 14.81 -17.20 21.29
C TRP C 100 15.78 -17.93 22.22
N THR C 101 16.70 -18.67 21.63
CA THR C 101 17.61 -19.56 22.34
C THR C 101 19.04 -19.17 22.04
N PHE C 102 19.96 -19.71 22.84
CA PHE C 102 21.38 -19.38 22.78
C PHE C 102 22.19 -20.65 22.68
N GLY C 103 23.47 -20.49 22.32
CA GLY C 103 24.37 -21.61 22.17
C GLY C 103 25.12 -21.93 23.47
N GLY C 104 25.91 -23.00 23.40
CA GLY C 104 26.67 -23.42 24.58
C GLY C 104 27.83 -22.50 24.90
N GLY C 105 28.43 -21.90 23.89
CA GLY C 105 29.55 -20.99 24.08
C GLY C 105 30.90 -21.66 23.90
N THR C 106 31.82 -20.95 23.23
CA THR C 106 33.18 -21.44 23.00
C THR C 106 34.19 -20.41 23.50
N LYS C 107 35.21 -20.89 24.20
CA LYS C 107 36.27 -20.04 24.75
C LYS C 107 37.33 -19.85 23.68
N VAL C 108 37.46 -18.61 23.18
CA VAL C 108 38.43 -18.25 22.16
C VAL C 108 39.39 -17.26 22.80
N GLU C 109 40.65 -17.65 22.93
CA GLU C 109 41.65 -16.81 23.57
C GLU C 109 43.02 -17.13 22.95
N ILE C 110 44.07 -16.56 23.54
CA ILE C 110 45.43 -16.78 23.07
C ILE C 110 45.79 -18.26 23.19
N GLU D 1 20.05 22.82 17.42
CA GLU D 1 21.04 22.06 16.67
C GLU D 1 20.78 22.16 15.17
N VAL D 2 19.51 22.07 14.80
CA VAL D 2 19.13 22.15 13.39
C VAL D 2 19.19 23.61 12.94
N GLN D 3 19.66 23.82 11.71
CA GLN D 3 19.76 25.16 11.14
C GLN D 3 19.42 25.11 9.65
N LEU D 4 18.90 26.23 9.15
CA LEU D 4 18.55 26.37 7.74
C LEU D 4 18.99 27.77 7.30
N GLN D 5 20.08 27.84 6.55
CA GLN D 5 20.71 29.10 6.16
C GLN D 5 20.44 29.34 4.67
N GLN D 6 19.76 30.45 4.38
CA GLN D 6 19.48 30.87 3.02
C GLN D 6 20.65 31.69 2.46
N SER D 7 20.53 32.07 1.18
CA SER D 7 21.41 33.03 0.58
C SER D 7 20.89 34.44 0.83
N GLY D 8 21.56 35.43 0.25
CA GLY D 8 21.18 36.81 0.44
C GLY D 8 20.11 37.24 -0.54
N PRO D 9 19.63 38.47 -0.37
CA PRO D 9 18.60 38.99 -1.29
C PRO D 9 19.20 39.41 -2.62
N GLU D 10 18.30 39.74 -3.55
CA GLU D 10 18.72 40.17 -4.88
C GLU D 10 17.51 40.73 -5.61
N LEU D 11 17.77 41.59 -6.59
CA LEU D 11 16.75 42.18 -7.44
C LEU D 11 16.90 41.64 -8.85
N VAL D 12 15.78 41.23 -9.44
CA VAL D 12 15.75 40.69 -10.80
C VAL D 12 14.73 41.50 -11.59
N LYS D 13 15.01 41.67 -12.89
CA LYS D 13 14.11 42.40 -13.76
C LYS D 13 12.76 41.68 -13.81
N PRO D 14 11.64 42.41 -14.01
CA PRO D 14 10.35 41.71 -14.14
C PRO D 14 10.33 40.82 -15.38
N GLY D 15 9.79 39.62 -15.21
CA GLY D 15 9.69 38.65 -16.27
C GLY D 15 10.82 37.63 -16.31
N ALA D 16 11.96 37.92 -15.71
CA ALA D 16 13.10 37.03 -15.70
C ALA D 16 13.03 36.09 -14.49
N SER D 17 13.91 35.09 -14.50
CA SER D 17 13.92 34.07 -13.47
C SER D 17 14.78 34.50 -12.28
N VAL D 18 14.40 34.02 -11.10
CA VAL D 18 15.09 34.33 -9.85
C VAL D 18 15.18 33.05 -9.04
N LYS D 19 16.27 32.93 -8.27
CA LYS D 19 16.58 31.71 -7.53
C LYS D 19 16.99 32.04 -6.10
N ILE D 20 16.68 31.12 -5.20
CA ILE D 20 17.10 31.19 -3.80
C ILE D 20 17.60 29.81 -3.40
N SER D 21 18.68 29.78 -2.61
CA SER D 21 19.27 28.55 -2.10
C SER D 21 19.11 28.45 -0.59
N CYS D 22 19.21 27.23 -0.07
CA CYS D 22 19.10 26.99 1.37
C CYS D 22 19.88 25.75 1.72
N LYS D 23 20.85 25.89 2.63
CA LYS D 23 21.62 24.77 3.15
C LYS D 23 21.06 24.35 4.50
N ALA D 24 21.10 23.04 4.77
CA ALA D 24 20.58 22.46 6.00
C ALA D 24 21.69 21.75 6.75
N SER D 25 21.54 21.66 8.08
CA SER D 25 22.52 21.01 8.93
C SER D 25 21.86 20.64 10.24
N GLY D 26 22.53 19.77 10.99
CA GLY D 26 22.03 19.33 12.28
C GLY D 26 21.02 18.21 12.24
N TYR D 27 20.70 17.68 11.06
CA TYR D 27 19.71 16.62 10.93
C TYR D 27 19.82 16.02 9.54
N THR D 28 19.41 14.75 9.41
CA THR D 28 19.47 14.05 8.14
C THR D 28 18.63 14.79 7.09
N PHE D 29 19.25 15.04 5.93
CA PHE D 29 18.57 15.82 4.89
C PHE D 29 17.37 15.07 4.32
N THR D 30 17.45 13.75 4.24
CA THR D 30 16.41 12.95 3.59
C THR D 30 15.24 12.61 4.51
N ASP D 31 15.32 12.91 5.80
CA ASP D 31 14.31 12.52 6.77
C ASP D 31 13.33 13.66 7.07
N TYR D 32 13.09 14.55 6.12
CA TYR D 32 12.09 15.60 6.30
C TYR D 32 11.72 16.18 4.95
N TYR D 33 10.64 16.97 4.94
CA TYR D 33 10.20 17.69 3.77
C TYR D 33 10.79 19.09 3.76
N MET D 34 11.28 19.52 2.61
CA MET D 34 11.76 20.88 2.40
C MET D 34 10.62 21.70 1.79
N ASN D 35 9.90 22.43 2.62
CA ASN D 35 8.79 23.26 2.20
C ASN D 35 9.24 24.71 2.11
N TRP D 36 8.47 25.51 1.37
CA TRP D 36 8.72 26.93 1.19
C TRP D 36 7.44 27.71 1.45
N VAL D 37 7.60 28.94 1.93
CA VAL D 37 6.48 29.78 2.35
C VAL D 37 6.66 31.17 1.77
N LYS D 38 5.55 31.82 1.43
CA LYS D 38 5.52 33.13 0.78
C LYS D 38 5.02 34.16 1.78
N GLN D 39 5.57 35.39 1.68
CA GLN D 39 5.15 36.51 2.53
C GLN D 39 5.09 37.77 1.68
N SER D 40 3.92 38.04 1.09
CA SER D 40 3.71 39.30 0.42
C SER D 40 3.86 40.44 1.43
N HIS D 41 4.54 41.51 1.02
CA HIS D 41 4.92 42.58 1.94
C HIS D 41 3.69 43.22 2.57
N GLY D 42 3.61 43.16 3.89
CA GLY D 42 2.47 43.70 4.61
C GLY D 42 1.26 42.81 4.64
N LYS D 43 1.41 41.51 4.37
CA LYS D 43 0.31 40.57 4.31
C LYS D 43 0.66 39.32 5.14
N SER D 44 -0.23 38.34 5.12
CA SER D 44 -0.05 37.11 5.88
C SER D 44 0.91 36.19 5.13
N LEU D 45 1.14 35.00 5.68
CA LEU D 45 2.02 34.00 5.10
C LEU D 45 1.21 33.03 4.25
N GLU D 46 1.89 32.40 3.27
CA GLU D 46 1.23 31.54 2.31
C GLU D 46 2.19 30.43 1.87
N TRP D 47 1.67 29.20 1.82
CA TRP D 47 2.48 28.05 1.44
C TRP D 47 2.84 28.08 -0.05
N ILE D 48 4.05 27.63 -0.37
CA ILE D 48 4.54 27.59 -1.75
C ILE D 48 4.55 26.15 -2.29
N GLY D 49 5.34 25.28 -1.69
CA GLY D 49 5.49 23.94 -2.25
C GLY D 49 6.16 22.98 -1.29
N ASN D 50 6.42 21.78 -1.81
CA ASN D 50 6.98 20.67 -1.06
C ASN D 50 7.90 19.86 -1.95
N ILE D 51 8.88 19.21 -1.33
CA ILE D 51 9.89 18.41 -2.04
C ILE D 51 10.10 17.11 -1.28
N ASN D 52 10.26 16.02 -2.03
CA ASN D 52 10.65 14.71 -1.50
C ASN D 52 12.06 14.41 -2.01
N PRO D 53 13.11 14.68 -1.21
CA PRO D 53 14.47 14.39 -1.70
C PRO D 53 14.74 12.92 -1.98
N ASN D 54 13.94 12.01 -1.44
CA ASN D 54 14.18 10.58 -1.66
C ASN D 54 13.97 10.19 -3.12
N ASN D 55 13.08 10.89 -3.83
CA ASN D 55 12.81 10.61 -5.23
C ASN D 55 12.65 11.85 -6.10
N GLY D 56 12.87 13.05 -5.56
CA GLY D 56 12.70 14.25 -6.35
C GLY D 56 11.27 14.66 -6.62
N GLY D 57 10.30 14.02 -5.97
CA GLY D 57 8.91 14.39 -6.17
C GLY D 57 8.58 15.73 -5.51
N THR D 58 7.57 16.39 -6.04
CA THR D 58 7.15 17.70 -5.56
C THR D 58 5.63 17.80 -5.54
N SER D 59 5.13 18.69 -4.69
CA SER D 59 3.72 19.00 -4.59
C SER D 59 3.59 20.45 -4.14
N TYR D 60 2.72 21.22 -4.80
CA TYR D 60 2.69 22.65 -4.60
C TYR D 60 1.30 23.20 -4.89
N ASN D 61 1.07 24.42 -4.38
CA ASN D 61 -0.22 25.08 -4.54
C ASN D 61 -0.52 25.34 -6.02
N GLN D 62 -1.81 25.34 -6.36
CA GLN D 62 -2.20 25.46 -7.75
C GLN D 62 -1.84 26.79 -8.38
N LYS D 63 -1.59 27.83 -7.56
CA LYS D 63 -1.24 29.13 -8.11
C LYS D 63 0.20 29.21 -8.62
N PHE D 64 1.05 28.23 -8.29
CA PHE D 64 2.45 28.24 -8.70
C PHE D 64 2.73 27.28 -9.86
N LYS D 65 1.72 26.98 -10.68
CA LYS D 65 1.94 26.07 -11.80
C LYS D 65 2.80 26.72 -12.88
N GLY D 66 2.58 28.00 -13.15
CA GLY D 66 3.34 28.73 -14.16
C GLY D 66 4.19 29.83 -13.58
N LYS D 67 4.62 29.67 -12.31
CA LYS D 67 5.38 30.70 -11.62
C LYS D 67 6.66 30.16 -11.00
N ALA D 68 6.66 28.90 -10.55
CA ALA D 68 7.79 28.39 -9.79
C ALA D 68 7.93 26.88 -9.97
N THR D 69 9.15 26.41 -9.72
CA THR D 69 9.48 24.99 -9.72
C THR D 69 10.46 24.73 -8.59
N LEU D 70 10.37 23.54 -8.00
CA LEU D 70 11.10 23.17 -6.80
C LEU D 70 12.03 21.99 -7.08
N THR D 71 13.12 21.91 -6.32
CA THR D 71 14.11 20.86 -6.45
C THR D 71 15.12 20.99 -5.32
N VAL D 72 15.94 19.94 -5.15
CA VAL D 72 16.98 19.90 -4.13
C VAL D 72 18.19 19.16 -4.71
N ASP D 73 19.27 19.14 -3.92
CA ASP D 73 20.46 18.35 -4.23
C ASP D 73 20.94 17.76 -2.91
N LYS D 74 20.58 16.50 -2.65
CA LYS D 74 20.87 15.87 -1.37
C LYS D 74 22.36 15.62 -1.15
N SER D 75 23.17 15.64 -2.21
CA SER D 75 24.60 15.41 -2.08
C SER D 75 25.32 16.49 -1.27
N SER D 76 24.71 17.68 -1.12
CA SER D 76 25.30 18.77 -0.36
C SER D 76 24.37 19.31 0.73
N THR D 77 23.23 18.66 0.98
CA THR D 77 22.24 19.13 1.96
C THR D 77 21.77 20.54 1.62
N THR D 78 21.64 20.83 0.32
CA THR D 78 21.25 22.14 -0.17
C THR D 78 19.92 22.04 -0.92
N ALA D 79 19.12 23.09 -0.83
CA ALA D 79 17.81 23.16 -1.45
C ALA D 79 17.69 24.42 -2.29
N TYR D 80 17.02 24.28 -3.44
CA TYR D 80 16.81 25.38 -4.37
C TYR D 80 15.32 25.54 -4.65
N MET D 81 14.95 26.74 -5.07
CA MET D 81 13.59 27.04 -5.51
C MET D 81 13.67 28.02 -6.67
N GLU D 82 13.23 27.59 -7.84
CA GLU D 82 13.34 28.35 -9.07
C GLU D 82 12.00 29.02 -9.37
N LEU D 83 12.04 30.33 -9.61
CA LEU D 83 10.85 31.11 -9.97
C LEU D 83 11.00 31.65 -11.38
N ARG D 84 9.85 31.80 -12.06
CA ARG D 84 9.80 32.30 -13.42
C ARG D 84 8.61 33.22 -13.57
N SER D 85 8.67 34.08 -14.60
CA SER D 85 7.63 35.08 -14.87
C SER D 85 7.43 35.98 -13.65
N LEU D 86 8.53 36.52 -13.15
CA LEU D 86 8.48 37.33 -11.94
C LEU D 86 7.78 38.66 -12.22
N THR D 87 6.94 39.08 -11.27
CA THR D 87 6.16 40.30 -11.40
C THR D 87 6.18 41.05 -10.07
N SER D 88 5.57 42.25 -10.07
CA SER D 88 5.60 43.10 -8.90
C SER D 88 4.87 42.47 -7.71
N GLU D 89 3.88 41.61 -7.98
CA GLU D 89 3.14 40.97 -6.91
C GLU D 89 3.99 40.01 -6.08
N ASP D 90 5.13 39.57 -6.61
CA ASP D 90 5.97 38.57 -5.96
C ASP D 90 7.02 39.18 -5.02
N SER D 91 6.99 40.49 -4.80
CA SER D 91 7.90 41.09 -3.84
C SER D 91 7.57 40.56 -2.45
N ALA D 92 8.41 39.68 -1.91
CA ALA D 92 8.03 38.92 -0.73
C ALA D 92 9.29 38.35 -0.07
N VAL D 93 9.11 37.91 1.17
CA VAL D 93 10.15 37.24 1.95
C VAL D 93 9.82 35.76 2.00
N TYR D 94 10.77 34.92 1.60
CA TYR D 94 10.57 33.48 1.50
C TYR D 94 11.36 32.77 2.59
N TYR D 95 10.77 31.70 3.13
CA TYR D 95 11.29 31.01 4.31
C TYR D 95 11.66 29.57 3.97
N CYS D 96 12.75 29.09 4.57
CA CYS D 96 13.24 27.73 4.41
C CYS D 96 12.96 26.98 5.71
N THR D 97 12.37 25.79 5.58
CA THR D 97 11.68 25.14 6.69
C THR D 97 12.00 23.65 6.75
N ARG D 98 11.68 23.05 7.90
CA ARG D 98 11.69 21.61 8.11
C ARG D 98 10.30 21.17 8.50
N SER D 99 9.85 20.05 7.93
CA SER D 99 8.46 19.60 8.09
C SER D 99 8.38 18.08 8.11
N PRO D 100 8.05 17.44 9.27
CA PRO D 100 7.89 15.98 9.27
C PRO D 100 6.51 15.54 8.80
N VAL D 101 6.22 14.25 8.88
CA VAL D 101 4.94 13.76 8.39
C VAL D 101 3.97 13.41 9.49
N ARG D 102 2.73 13.84 9.24
CA ARG D 102 1.43 13.75 9.98
C ARG D 102 0.98 15.01 10.71
N PRO D 103 1.89 15.89 11.10
CA PRO D 103 1.38 17.17 11.57
C PRO D 103 1.37 18.13 10.38
N TYR D 104 1.98 17.68 9.29
CA TYR D 104 2.01 18.40 8.03
C TYR D 104 2.23 19.82 8.55
N TYR D 105 3.24 19.97 9.39
CA TYR D 105 3.53 21.23 10.08
C TYR D 105 4.97 21.63 9.84
N PHE D 106 5.23 22.93 10.01
CA PHE D 106 6.57 23.50 9.83
C PHE D 106 7.29 23.42 11.17
N ASP D 107 8.25 22.51 11.24
CA ASP D 107 8.99 22.31 12.49
C ASP D 107 9.79 23.57 12.86
N TYR D 108 10.76 23.94 12.03
CA TYR D 108 11.65 25.07 12.27
C TYR D 108 11.62 26.00 11.07
N TRP D 109 12.28 27.16 11.23
CA TRP D 109 12.22 28.24 10.26
C TRP D 109 13.62 28.83 10.09
N GLY D 110 13.96 29.17 8.85
CA GLY D 110 15.19 29.87 8.55
C GLY D 110 15.09 31.33 8.94
N GLN D 111 16.09 32.10 8.52
CA GLN D 111 16.09 33.54 8.80
C GLN D 111 15.27 34.33 7.80
N GLY D 112 15.04 33.78 6.60
CA GLY D 112 14.26 34.47 5.59
C GLY D 112 15.08 35.46 4.78
N THR D 113 14.86 35.49 3.47
CA THR D 113 15.56 36.38 2.56
C THR D 113 14.53 37.21 1.78
N THR D 114 14.90 38.45 1.49
CA THR D 114 14.00 39.38 0.82
C THR D 114 14.14 39.23 -0.69
N LEU D 115 13.02 39.32 -1.40
CA LEU D 115 12.97 39.26 -2.85
C LEU D 115 12.30 40.52 -3.35
N THR D 116 12.98 41.26 -4.22
CA THR D 116 12.51 42.54 -4.72
C THR D 116 12.40 42.49 -6.24
N VAL D 117 11.50 43.33 -6.77
CA VAL D 117 11.27 43.43 -8.20
C VAL D 117 10.33 44.61 -8.48
N ASP D 135 -10.39 24.37 -1.84
CA ASP D 135 -9.42 24.37 -0.74
C ASP D 135 -10.05 24.89 0.54
N ILE D 136 -9.42 24.57 1.67
CA ILE D 136 -9.89 25.00 2.99
C ILE D 136 -9.05 26.17 3.43
N VAL D 137 -9.70 27.24 3.90
CA VAL D 137 -9.04 28.44 4.38
C VAL D 137 -9.48 28.71 5.81
N MET D 138 -8.70 29.54 6.49
CA MET D 138 -8.97 29.95 7.86
C MET D 138 -9.15 31.45 7.93
N THR D 139 -9.85 31.90 8.97
CA THR D 139 -10.09 33.31 9.22
C THR D 139 -9.82 33.61 10.69
N GLN D 140 -9.67 34.89 11.01
CA GLN D 140 -9.38 35.34 12.36
C GLN D 140 -10.23 36.56 12.70
N SER D 141 -10.11 36.99 13.95
CA SER D 141 -10.83 38.16 14.45
C SER D 141 -10.03 39.43 14.12
N HIS D 142 -10.41 40.54 14.74
CA HIS D 142 -9.74 41.81 14.51
C HIS D 142 -8.25 41.73 14.85
N LYS D 143 -7.43 42.44 14.09
CA LYS D 143 -6.00 42.49 14.32
C LYS D 143 -5.58 43.59 15.29
N PHE D 144 -6.50 44.10 16.11
CA PHE D 144 -6.21 45.09 17.12
C PHE D 144 -6.67 44.65 18.52
N MET D 145 -6.91 43.36 18.72
CA MET D 145 -7.21 42.86 20.06
C MET D 145 -6.00 43.08 20.97
N SER D 146 -6.24 43.66 22.14
CA SER D 146 -5.14 44.05 23.01
C SER D 146 -5.64 44.17 24.44
N THR D 147 -4.69 44.20 25.37
CA THR D 147 -4.95 44.37 26.79
C THR D 147 -3.60 44.56 27.49
N SER D 148 -3.66 44.98 28.74
CA SER D 148 -2.45 45.26 29.50
C SER D 148 -1.63 43.99 29.68
N VAL D 149 -0.35 44.18 30.01
CA VAL D 149 0.56 43.05 30.21
C VAL D 149 0.13 42.27 31.44
N GLY D 150 0.18 40.94 31.34
CA GLY D 150 -0.18 40.07 32.43
C GLY D 150 -1.62 39.58 32.42
N ASP D 151 -2.48 40.15 31.58
CA ASP D 151 -3.88 39.77 31.53
C ASP D 151 -4.07 38.58 30.59
N ARG D 152 -5.16 37.84 30.83
CA ARG D 152 -5.49 36.68 30.00
C ARG D 152 -5.94 37.16 28.63
N VAL D 153 -5.26 36.70 27.58
CA VAL D 153 -5.53 37.09 26.21
C VAL D 153 -6.22 35.93 25.51
N SER D 154 -6.99 36.25 24.46
CA SER D 154 -7.66 35.24 23.66
C SER D 154 -7.75 35.71 22.22
N ILE D 155 -7.62 34.76 21.30
CA ILE D 155 -7.74 35.01 19.86
C ILE D 155 -8.73 34.00 19.30
N THR D 156 -9.56 34.45 18.36
CA THR D 156 -10.58 33.62 17.73
C THR D 156 -10.16 33.29 16.30
N CYS D 157 -10.30 32.03 15.92
CA CYS D 157 -10.00 31.56 14.58
C CYS D 157 -11.11 30.62 14.12
N LYS D 158 -11.64 30.86 12.92
CA LYS D 158 -12.75 30.11 12.37
C LYS D 158 -12.32 29.43 11.06
N ALA D 159 -12.87 28.24 10.83
CA ALA D 159 -12.57 27.45 9.64
C ALA D 159 -13.73 27.50 8.66
N SER D 160 -13.41 27.52 7.37
CA SER D 160 -14.44 27.47 6.34
C SER D 160 -15.02 26.07 6.18
N GLN D 161 -14.31 25.03 6.63
CA GLN D 161 -14.77 23.65 6.55
C GLN D 161 -14.42 22.94 7.86
N ASP D 162 -14.82 21.68 7.94
CA ASP D 162 -14.60 20.89 9.15
C ASP D 162 -13.17 20.39 9.18
N VAL D 163 -12.41 20.84 10.18
CA VAL D 163 -11.07 20.33 10.48
C VAL D 163 -11.08 19.92 11.94
N SER D 164 -10.81 18.64 12.22
CA SER D 164 -11.06 18.07 13.53
C SER D 164 -10.23 18.73 14.63
N THR D 165 -8.92 18.56 14.59
CA THR D 165 -8.01 19.23 15.52
C THR D 165 -6.73 19.68 14.84
N ALA D 166 -6.70 19.73 13.51
CA ALA D 166 -5.45 19.92 12.75
C ALA D 166 -5.18 21.41 12.56
N VAL D 167 -4.73 22.03 13.65
CA VAL D 167 -4.42 23.47 13.68
C VAL D 167 -3.21 23.69 14.59
N ALA D 168 -2.37 24.66 14.23
CA ALA D 168 -1.24 25.08 15.04
C ALA D 168 -1.20 26.60 15.09
N TRP D 169 -0.18 27.14 15.77
CA TRP D 169 -0.06 28.58 15.99
C TRP D 169 1.42 28.97 15.94
N TYR D 170 1.68 30.20 15.48
CA TYR D 170 3.03 30.68 15.24
C TYR D 170 3.26 32.01 15.93
N GLN D 171 4.54 32.41 15.96
CA GLN D 171 4.98 33.69 16.52
C GLN D 171 6.06 34.26 15.61
N GLN D 172 5.77 35.41 15.00
CA GLN D 172 6.69 36.10 14.10
C GLN D 172 6.96 37.48 14.66
N LYS D 173 8.11 37.66 15.30
CA LYS D 173 8.49 38.96 15.83
C LYS D 173 8.88 39.90 14.68
N PRO D 174 8.97 41.20 14.95
CA PRO D 174 9.42 42.13 13.89
C PRO D 174 10.85 41.82 13.45
N GLY D 175 11.01 41.54 12.16
CA GLY D 175 12.32 41.25 11.60
C GLY D 175 12.80 39.82 11.79
N GLN D 176 12.01 38.96 12.41
CA GLN D 176 12.36 37.57 12.64
C GLN D 176 11.38 36.66 11.89
N SER D 177 11.72 35.38 11.84
CA SER D 177 10.91 34.38 11.16
C SER D 177 9.88 33.79 12.11
N PRO D 178 8.90 33.05 11.60
CA PRO D 178 7.95 32.39 12.51
C PRO D 178 8.60 31.29 13.34
N LYS D 179 7.79 30.65 14.17
CA LYS D 179 8.24 29.61 15.07
C LYS D 179 7.03 28.86 15.58
N LEU D 180 7.14 27.53 15.68
CA LEU D 180 6.01 26.71 16.11
C LEU D 180 5.87 26.79 17.63
N LEU D 181 4.72 27.25 18.11
CA LEU D 181 4.44 27.44 19.52
C LEU D 181 3.45 26.42 20.07
N ILE D 182 2.27 26.31 19.47
CA ILE D 182 1.24 25.36 19.88
C ILE D 182 1.13 24.28 18.81
N TYR D 183 0.78 23.07 19.25
CA TYR D 183 0.83 21.87 18.44
C TYR D 183 -0.48 21.12 18.60
N SER D 184 -1.13 20.80 17.47
CA SER D 184 -2.43 20.16 17.45
C SER D 184 -3.49 20.99 18.19
N ALA D 185 -3.29 22.31 18.24
CA ALA D 185 -4.25 23.29 18.76
C ALA D 185 -4.40 23.26 20.27
N SER D 186 -3.74 22.34 20.99
CA SER D 186 -3.92 22.22 22.44
C SER D 186 -2.64 21.99 23.23
N TYR D 187 -1.52 21.61 22.60
CA TYR D 187 -0.28 21.31 23.30
C TYR D 187 0.84 22.22 22.80
N ARG D 188 1.75 22.57 23.70
CA ARG D 188 2.84 23.49 23.38
C ARG D 188 4.07 22.70 22.94
N TYR D 189 4.63 23.08 21.79
CA TYR D 189 5.79 22.42 21.21
C TYR D 189 6.99 22.54 22.14
N THR D 190 7.99 21.67 21.92
CA THR D 190 9.22 21.74 22.70
C THR D 190 9.90 23.09 22.52
N GLY D 191 10.45 23.62 23.61
CA GLY D 191 11.08 24.93 23.60
C GLY D 191 10.13 26.09 23.82
N VAL D 192 8.91 25.82 24.29
CA VAL D 192 7.86 26.83 24.41
C VAL D 192 7.56 27.02 25.90
N PRO D 193 7.49 28.25 26.40
CA PRO D 193 7.20 28.43 27.83
C PRO D 193 5.77 27.99 28.16
N ASP D 194 5.51 27.90 29.47
CA ASP D 194 4.21 27.44 29.96
C ASP D 194 3.09 28.47 29.76
N ARG D 195 3.40 29.68 29.28
CA ARG D 195 2.39 30.73 29.21
C ARG D 195 1.32 30.42 28.16
N PHE D 196 1.71 29.84 27.02
CA PHE D 196 0.81 29.67 25.89
C PHE D 196 0.07 28.34 26.01
N THR D 197 -1.24 28.38 25.76
CA THR D 197 -2.07 27.19 25.69
C THR D 197 -3.08 27.38 24.57
N GLY D 198 -3.89 26.36 24.32
CA GLY D 198 -4.88 26.43 23.26
C GLY D 198 -5.92 25.35 23.41
N SER D 199 -6.92 25.43 22.53
CA SER D 199 -8.02 24.46 22.49
C SER D 199 -8.84 24.73 21.23
N GLY D 200 -9.72 23.80 20.92
CA GLY D 200 -10.58 23.92 19.75
C GLY D 200 -10.95 22.58 19.15
N SER D 201 -12.00 22.57 18.31
CA SER D 201 -12.43 21.33 17.67
C SER D 201 -13.38 21.66 16.53
N GLY D 202 -13.09 21.13 15.34
CA GLY D 202 -13.98 21.23 14.21
C GLY D 202 -13.85 22.53 13.44
N THR D 203 -14.44 23.60 13.97
CA THR D 203 -14.37 24.92 13.34
C THR D 203 -14.10 26.05 14.33
N ASP D 204 -14.24 25.85 15.63
CA ASP D 204 -14.01 26.88 16.64
C ASP D 204 -12.67 26.59 17.31
N PHE D 205 -11.70 27.48 17.10
CA PHE D 205 -10.36 27.35 17.65
C PHE D 205 -10.01 28.60 18.44
N THR D 206 -9.36 28.41 19.59
CA THR D 206 -9.05 29.50 20.52
C THR D 206 -7.58 29.40 20.91
N PHE D 207 -6.91 30.56 20.96
CA PHE D 207 -5.52 30.67 21.36
C PHE D 207 -5.45 31.60 22.57
N THR D 208 -5.04 31.05 23.72
CA THR D 208 -4.97 31.80 24.96
C THR D 208 -3.52 31.99 25.38
N ILE D 209 -3.29 33.00 26.22
CA ILE D 209 -1.99 33.30 26.79
C ILE D 209 -2.18 33.50 28.28
N SER D 210 -1.51 32.70 29.09
CA SER D 210 -1.55 32.84 30.54
C SER D 210 -0.43 33.77 30.98
N SER D 211 -0.81 34.92 31.55
CA SER D 211 0.15 35.93 32.03
C SER D 211 1.05 36.38 30.88
N VAL D 212 0.43 37.03 29.89
CA VAL D 212 1.17 37.53 28.74
C VAL D 212 2.25 38.49 29.18
N GLN D 213 3.37 38.48 28.47
CA GLN D 213 4.53 39.32 28.76
C GLN D 213 4.79 40.27 27.59
N ALA D 214 5.69 41.22 27.84
CA ALA D 214 6.04 42.19 26.80
C ALA D 214 6.80 41.53 25.65
N GLU D 215 7.51 40.43 25.93
CA GLU D 215 8.25 39.73 24.88
C GLU D 215 7.35 39.00 23.89
N ASP D 216 6.08 38.76 24.24
CA ASP D 216 5.15 38.07 23.37
C ASP D 216 4.45 38.99 22.37
N LEU D 217 4.88 40.25 22.26
CA LEU D 217 4.26 41.20 21.36
C LEU D 217 4.76 40.91 19.94
N ALA D 218 4.01 40.09 19.22
CA ALA D 218 4.38 39.66 17.88
C ALA D 218 3.13 39.24 17.11
N VAL D 219 3.32 38.95 15.82
CA VAL D 219 2.24 38.57 14.93
C VAL D 219 2.06 37.06 14.99
N TYR D 220 0.81 36.61 15.00
CA TYR D 220 0.46 35.20 15.08
C TYR D 220 -0.33 34.77 13.84
N TYR D 221 -0.41 33.46 13.63
CA TYR D 221 -1.08 32.90 12.47
C TYR D 221 -1.80 31.61 12.86
N CYS D 222 -2.83 31.28 12.09
CA CYS D 222 -3.72 30.14 12.36
C CYS D 222 -3.68 29.21 11.14
N GLN D 223 -2.99 28.08 11.28
CA GLN D 223 -2.68 27.21 10.16
C GLN D 223 -3.71 26.08 10.02
N GLN D 224 -3.88 25.63 8.79
CA GLN D 224 -4.71 24.48 8.43
C GLN D 224 -3.80 23.30 8.14
N HIS D 225 -3.92 22.24 8.95
CA HIS D 225 -3.16 21.01 8.79
C HIS D 225 -3.98 19.85 8.26
N TYR D 226 -5.31 20.00 8.15
CA TYR D 226 -6.18 18.86 7.87
C TYR D 226 -5.93 18.32 6.46
N SER D 227 -5.59 19.18 5.51
CA SER D 227 -5.39 18.76 4.13
C SER D 227 -4.40 19.68 3.43
N ILE D 228 -3.71 19.12 2.44
CA ILE D 228 -2.87 19.89 1.53
C ILE D 228 -3.82 20.46 0.48
N PRO D 229 -3.60 21.69 -0.04
CA PRO D 229 -2.58 22.71 0.24
C PRO D 229 -2.63 23.30 1.65
N ARG D 230 -1.46 23.50 2.24
CA ARG D 230 -1.37 24.17 3.54
C ARG D 230 -1.87 25.61 3.39
N THR D 231 -2.85 25.98 4.20
CA THR D 231 -3.43 27.31 4.19
C THR D 231 -3.38 27.91 5.59
N PHE D 232 -3.26 29.23 5.64
CA PHE D 232 -3.15 29.99 6.87
C PHE D 232 -4.36 30.92 7.00
N GLY D 233 -4.39 31.69 8.09
CA GLY D 233 -5.42 32.69 8.31
C GLY D 233 -4.97 34.08 7.90
N GLY D 234 -5.82 35.06 8.23
CA GLY D 234 -5.51 36.44 7.90
C GLY D 234 -4.41 37.04 8.74
N GLY D 235 -4.23 36.54 9.96
CA GLY D 235 -3.19 37.04 10.84
C GLY D 235 -3.60 38.22 11.68
N THR D 236 -3.37 38.14 12.99
CA THR D 236 -3.64 39.21 13.93
C THR D 236 -2.44 39.41 14.83
N LYS D 237 -2.36 40.61 15.42
CA LYS D 237 -1.28 40.99 16.33
C LYS D 237 -1.87 41.43 17.66
N LEU D 238 -1.13 41.17 18.74
CA LEU D 238 -1.51 41.55 20.09
C LEU D 238 -0.58 42.66 20.54
N GLU D 239 -1.12 43.87 20.67
CA GLU D 239 -0.30 45.04 21.01
C GLU D 239 -1.22 46.07 21.68
N ILE D 240 -1.20 46.23 23.01
CA ILE D 240 -0.38 45.47 23.97
C ILE D 240 -0.91 44.04 24.06
#